data_1HJ3
#
_entry.id   1HJ3
#
_cell.length_a   107.190
_cell.length_b   61.170
_cell.length_c   100.520
_cell.angle_alpha   90.00
_cell.angle_beta   112.19
_cell.angle_gamma   90.00
#
_symmetry.space_group_name_H-M   'P 1 21 1'
#
loop_
_entity.id
_entity.type
_entity.pdbx_description
1 polymer 'Nitrite reductase'
2 non-polymer 'HEME C'
3 non-polymer 'HEME D'
4 non-polymer GLYCEROL
5 non-polymer 'SULFATE ION'
6 non-polymer 'OXYGEN MOLECULE'
7 water water
#
_entity_poly.entity_id   1
_entity_poly.type   'polypeptide(L)'
_entity_poly.pdbx_seq_one_letter_code
;QEQVAPPKDPAAALEDHKTRTDNRYEPSLDNLAQQDVAAPGAPEGVSALSDAQYNEANKIYFERCAGCHGVLRKGATGKA
LTPDLTRDLGFDYLQSFITYGSPAGMPNWGTSGELSAEQVDLMANYLLLDPAAPPEFGMKEMRESWKVHVAPEDRPTQQE
NDWDLENLFSVTLRDAGQIALIDGATYEIKSVLDTGYAVHISRLSASGRYLFVIGRDGKVNMIDLWMKEPTTVAEIKIGS
EARSIETSKMEGWEDKYAIAGAYWPPQYVIMDGETLEPKKIQSTRGMTYDEQEYHPEPRVAAILASHYRPEFIVNVKETG
KILLVDYTDLDNLKTTEISAERFLHDGGLDGSHRYFITAANARNKLVVIDTKEGKLVAIEDTGGQTPHPGRGANFVHPTF
GPVWATSHMGDDSVALIGTDPEGHPDNAWKILDSFPALGGGSLFIKTHPNSQYLYVDATLNPEAEISGSVAVFDIKAMTG
DGSDPEFKTLPIAEWAGITEGQPRVVQGEFNKDGTEVWFSVWNGKDQESALVVVDDKTLELKHVIKDERLVTPTGKFNVY
NTMTDTY
;
_entity_poly.pdbx_strand_id   A,B
#
# COMPACT_ATOMS: atom_id res chain seq x y z
N HIS A 17 -7.68 -22.82 21.27
CA HIS A 17 -8.65 -22.03 21.99
C HIS A 17 -8.46 -22.02 23.49
N LYS A 18 -7.29 -22.44 23.95
CA LYS A 18 -7.00 -22.41 25.38
C LYS A 18 -5.89 -21.41 25.71
N THR A 19 -5.96 -20.86 26.92
CA THR A 19 -5.00 -19.87 27.36
C THR A 19 -3.61 -20.45 27.57
N ARG A 20 -2.65 -19.90 26.83
CA ARG A 20 -1.24 -20.28 26.98
C ARG A 20 -0.51 -19.11 27.66
N THR A 21 0.78 -19.28 27.88
CA THR A 21 1.57 -18.18 28.47
C THR A 21 2.01 -17.20 27.39
N ASP A 22 1.91 -17.60 26.12
CA ASP A 22 2.32 -16.78 25.01
C ASP A 22 1.20 -16.41 24.05
N ASN A 23 -0.06 -16.61 24.43
CA ASN A 23 -1.17 -16.24 23.54
C ASN A 23 -2.09 -15.24 24.23
N ARG A 24 -1.54 -14.50 25.18
CA ARG A 24 -2.32 -13.53 25.94
C ARG A 24 -1.95 -12.10 25.53
N TYR A 25 -0.83 -11.98 24.84
CA TYR A 25 -0.34 -10.68 24.37
C TYR A 25 -0.81 -10.45 22.94
N GLU A 26 -2.11 -10.65 22.72
CA GLU A 26 -2.74 -10.39 21.43
C GLU A 26 -3.68 -9.19 21.56
N PRO A 27 -3.74 -8.38 20.51
CA PRO A 27 -4.55 -7.18 20.50
C PRO A 27 -5.94 -7.38 21.03
N SER A 28 -6.38 -6.46 21.88
CA SER A 28 -7.77 -6.39 22.32
C SER A 28 -8.35 -5.05 21.82
N LEU A 29 -9.33 -5.15 20.93
CA LEU A 29 -9.90 -3.97 20.29
C LEU A 29 -11.11 -3.46 21.04
N ASP A 30 -10.85 -2.99 22.28
CA ASP A 30 -11.90 -2.53 23.16
C ASP A 30 -12.38 -1.12 22.89
N ASN A 31 -11.59 -0.29 22.22
CA ASN A 31 -12.08 1.06 21.89
C ASN A 31 -12.95 0.96 20.64
N LEU A 32 -12.50 0.13 19.71
CA LEU A 32 -13.23 -0.09 18.45
C LEU A 32 -14.51 -0.86 18.69
N ALA A 33 -14.55 -1.68 19.73
CA ALA A 33 -15.72 -2.45 20.09
C ALA A 33 -16.82 -1.60 20.71
N GLN A 34 -16.52 -0.34 21.03
CA GLN A 34 -17.48 0.57 21.60
C GLN A 34 -18.32 1.24 20.52
N GLN A 35 -17.94 1.05 19.27
CA GLN A 35 -18.69 1.61 18.15
C GLN A 35 -19.88 0.70 17.80
N ASP A 36 -21.06 1.29 17.62
CA ASP A 36 -22.22 0.47 17.26
C ASP A 36 -22.24 0.23 15.75
N VAL A 37 -22.69 -0.95 15.36
CA VAL A 37 -22.76 -1.32 13.96
C VAL A 37 -24.20 -1.74 13.60
N ALA A 38 -24.47 -1.87 12.32
CA ALA A 38 -25.78 -2.29 11.85
C ALA A 38 -25.79 -3.79 11.61
N ALA A 39 -26.95 -4.41 11.85
CA ALA A 39 -27.09 -5.85 11.60
C ALA A 39 -27.31 -6.08 10.10
N PRO A 40 -26.51 -6.96 9.53
CA PRO A 40 -26.59 -7.28 8.11
C PRO A 40 -27.76 -8.21 7.82
N GLY A 41 -28.11 -8.33 6.54
CA GLY A 41 -29.15 -9.29 6.13
C GLY A 41 -28.51 -10.67 6.01
N ALA A 42 -29.32 -11.72 6.05
CA ALA A 42 -28.81 -13.08 6.03
C ALA A 42 -29.19 -13.80 4.75
N PRO A 43 -28.23 -14.46 4.12
CA PRO A 43 -28.49 -15.21 2.90
C PRO A 43 -29.23 -16.49 3.21
N GLU A 44 -29.70 -17.17 2.18
CA GLU A 44 -30.46 -18.42 2.39
C GLU A 44 -29.60 -19.41 3.16
N GLY A 45 -30.18 -20.07 4.15
CA GLY A 45 -29.47 -21.06 4.95
C GLY A 45 -28.89 -20.49 6.23
N VAL A 46 -28.92 -19.17 6.35
CA VAL A 46 -28.39 -18.48 7.52
C VAL A 46 -29.48 -17.63 8.16
N SER A 47 -29.51 -17.57 9.49
CA SER A 47 -30.50 -16.77 10.19
C SER A 47 -29.90 -15.44 10.66
N ALA A 48 -30.65 -14.36 10.43
CA ALA A 48 -30.21 -13.04 10.78
C ALA A 48 -30.23 -12.80 12.29
N LEU A 49 -29.31 -11.98 12.76
CA LEU A 49 -29.28 -11.56 14.16
C LEU A 49 -29.90 -10.17 14.26
N SER A 50 -30.64 -9.91 15.34
CA SER A 50 -31.26 -8.61 15.53
C SER A 50 -30.18 -7.53 15.76
N ASP A 51 -30.61 -6.29 15.75
CA ASP A 51 -29.70 -5.16 16.01
C ASP A 51 -28.93 -5.39 17.29
N ALA A 52 -29.65 -5.60 18.39
CA ALA A 52 -29.05 -5.83 19.69
C ALA A 52 -28.14 -7.05 19.68
N GLN A 53 -28.65 -8.17 19.16
CA GLN A 53 -27.89 -9.40 19.10
C GLN A 53 -26.60 -9.21 18.30
N TYR A 54 -26.70 -8.58 17.13
CA TYR A 54 -25.52 -8.40 16.29
C TYR A 54 -24.48 -7.50 16.96
N ASN A 55 -24.92 -6.41 17.56
CA ASN A 55 -24.01 -5.51 18.27
C ASN A 55 -23.38 -6.17 19.48
N GLU A 56 -24.16 -6.97 20.21
CA GLU A 56 -23.64 -7.67 21.39
C GLU A 56 -22.55 -8.64 21.00
N ALA A 57 -22.74 -9.36 19.90
CA ALA A 57 -21.78 -10.30 19.38
C ALA A 57 -20.55 -9.57 18.83
N ASN A 58 -20.79 -8.45 18.17
CA ASN A 58 -19.71 -7.65 17.58
C ASN A 58 -18.79 -7.09 18.66
N LYS A 59 -19.36 -6.61 19.75
CA LYS A 59 -18.58 -6.12 20.89
C LYS A 59 -17.74 -7.23 21.49
N ILE A 60 -18.32 -8.43 21.62
CA ILE A 60 -17.56 -9.57 22.10
C ILE A 60 -16.45 -9.93 21.12
N TYR A 61 -16.77 -9.96 19.83
CA TYR A 61 -15.81 -10.28 18.80
C TYR A 61 -14.63 -9.34 18.79
N PHE A 62 -14.90 -8.03 18.82
CA PHE A 62 -13.84 -7.04 18.78
C PHE A 62 -12.95 -7.07 20.00
N GLU A 63 -13.52 -7.33 21.17
CA GLU A 63 -12.79 -7.39 22.42
C GLU A 63 -11.96 -8.64 22.60
N ARG A 64 -12.53 -9.82 22.27
CA ARG A 64 -11.90 -11.07 22.57
C ARG A 64 -11.39 -11.86 21.38
N CYS A 65 -11.90 -11.62 20.18
CA CYS A 65 -11.59 -12.45 19.04
C CYS A 65 -10.81 -11.78 17.92
N ALA A 66 -11.06 -10.51 17.67
CA ALA A 66 -10.42 -9.79 16.57
C ALA A 66 -8.92 -9.77 16.65
N GLY A 67 -8.35 -9.80 17.87
CA GLY A 67 -6.90 -9.85 18.02
C GLY A 67 -6.27 -10.96 17.19
N CYS A 68 -6.79 -12.18 17.32
CA CYS A 68 -6.22 -13.31 16.62
C CYS A 68 -6.83 -13.54 15.23
N HIS A 69 -8.10 -13.23 15.05
CA HIS A 69 -8.78 -13.52 13.80
C HIS A 69 -8.97 -12.33 12.90
N GLY A 70 -8.90 -11.12 13.43
CA GLY A 70 -9.05 -9.90 12.65
C GLY A 70 -10.43 -9.30 12.75
N VAL A 71 -10.54 -7.96 12.72
CA VAL A 71 -11.87 -7.34 12.68
C VAL A 71 -12.60 -7.68 11.39
N LEU A 72 -11.86 -7.92 10.31
CA LEU A 72 -12.45 -8.32 9.04
C LEU A 72 -12.55 -9.83 8.91
N ARG A 73 -11.98 -10.56 9.85
CA ARG A 73 -12.00 -12.00 9.90
C ARG A 73 -11.19 -12.67 8.81
N LYS A 74 -10.14 -12.01 8.33
CA LYS A 74 -9.26 -12.59 7.32
C LYS A 74 -8.11 -13.36 7.92
N GLY A 75 -8.04 -13.43 9.26
CA GLY A 75 -7.05 -14.18 9.96
C GLY A 75 -5.76 -13.46 10.27
N ALA A 76 -5.23 -13.74 11.45
CA ALA A 76 -3.93 -13.21 11.90
C ALA A 76 -3.12 -14.39 12.45
N THR A 77 -3.02 -14.47 13.78
CA THR A 77 -2.40 -15.65 14.39
C THR A 77 -3.38 -16.83 14.29
N GLY A 78 -4.66 -16.49 14.35
CA GLY A 78 -5.72 -17.48 14.15
C GLY A 78 -6.21 -17.43 12.70
N LYS A 79 -6.74 -18.52 12.20
CA LYS A 79 -7.15 -18.63 10.81
C LYS A 79 -8.33 -17.75 10.46
N ALA A 80 -8.53 -17.53 9.15
CA ALA A 80 -9.64 -16.71 8.68
C ALA A 80 -10.98 -17.30 9.13
N LEU A 81 -11.97 -16.44 9.32
CA LEU A 81 -13.30 -16.86 9.73
C LEU A 81 -14.36 -16.14 8.88
N THR A 82 -14.04 -16.00 7.59
CA THR A 82 -14.95 -15.33 6.66
C THR A 82 -16.17 -16.21 6.38
N PRO A 83 -17.29 -15.59 6.07
CA PRO A 83 -18.55 -16.25 5.87
C PRO A 83 -18.50 -17.48 5.01
N ASP A 84 -17.82 -17.42 3.86
CA ASP A 84 -17.73 -18.57 2.97
C ASP A 84 -17.14 -19.77 3.69
N LEU A 85 -16.12 -19.54 4.51
CA LEU A 85 -15.45 -20.57 5.27
C LEU A 85 -16.30 -21.12 6.41
N THR A 86 -16.94 -20.25 7.18
CA THR A 86 -17.74 -20.65 8.32
C THR A 86 -19.04 -21.32 7.94
N ARG A 87 -19.60 -20.98 6.78
CA ARG A 87 -20.86 -21.60 6.34
C ARG A 87 -20.65 -23.04 5.92
N ASP A 88 -19.44 -23.36 5.45
CA ASP A 88 -19.09 -24.73 5.11
C ASP A 88 -18.98 -25.56 6.39
N LEU A 89 -18.45 -24.94 7.44
CA LEU A 89 -18.31 -25.59 8.73
C LEU A 89 -19.67 -25.84 9.39
N GLY A 90 -20.53 -24.84 9.37
CA GLY A 90 -21.86 -24.95 9.92
C GLY A 90 -21.99 -24.47 11.36
N PHE A 91 -23.22 -24.13 11.74
CA PHE A 91 -23.52 -23.64 13.07
C PHE A 91 -23.12 -24.61 14.16
N ASP A 92 -23.58 -25.87 14.06
CA ASP A 92 -23.28 -26.87 15.07
C ASP A 92 -21.81 -26.93 15.41
N TYR A 93 -20.95 -27.03 14.40
CA TYR A 93 -19.50 -27.07 14.63
C TYR A 93 -19.05 -25.82 15.36
N LEU A 94 -19.41 -24.65 14.82
CA LEU A 94 -19.05 -23.38 15.43
C LEU A 94 -19.53 -23.31 16.88
N GLN A 95 -20.78 -23.66 17.11
CA GLN A 95 -21.37 -23.65 18.45
C GLN A 95 -20.56 -24.50 19.42
N SER A 96 -20.25 -25.72 19.02
CA SER A 96 -19.50 -26.65 19.85
C SER A 96 -18.07 -26.17 20.09
N PHE A 97 -17.44 -25.65 19.06
CA PHE A 97 -16.06 -25.18 19.15
C PHE A 97 -15.95 -23.96 20.07
N ILE A 98 -16.93 -23.08 20.02
CA ILE A 98 -16.94 -21.86 20.81
C ILE A 98 -17.37 -22.08 22.24
N THR A 99 -18.04 -23.21 22.52
CA THR A 99 -18.49 -23.54 23.86
C THR A 99 -17.35 -23.68 24.85
N TYR A 100 -16.18 -24.13 24.42
CA TYR A 100 -15.04 -24.28 25.30
C TYR A 100 -14.55 -22.96 25.88
N GLY A 101 -14.60 -21.90 25.10
CA GLY A 101 -14.13 -20.58 25.54
C GLY A 101 -12.91 -20.18 24.72
N SER A 102 -12.41 -18.97 24.96
CA SER A 102 -11.26 -18.45 24.21
C SER A 102 -10.12 -18.10 25.13
N PRO A 103 -8.91 -18.09 24.59
CA PRO A 103 -7.71 -17.76 25.34
C PRO A 103 -7.87 -16.38 26.00
N ALA A 104 -7.53 -16.30 27.28
CA ALA A 104 -7.68 -15.06 28.02
C ALA A 104 -6.71 -13.98 27.53
N GLY A 105 -7.07 -12.73 27.78
CA GLY A 105 -6.20 -11.61 27.45
C GLY A 105 -5.21 -11.36 28.59
N MET A 106 -4.81 -10.10 28.76
CA MET A 106 -3.87 -9.73 29.79
C MET A 106 -4.52 -9.69 31.17
N PRO A 107 -3.74 -9.87 32.22
CA PRO A 107 -4.24 -9.85 33.58
C PRO A 107 -4.63 -8.45 34.01
N LEU A 115 -17.56 -17.73 28.01
CA LEU A 115 -18.80 -17.31 27.39
C LEU A 115 -19.97 -18.20 27.82
N SER A 116 -21.10 -17.57 28.10
CA SER A 116 -22.31 -18.30 28.50
C SER A 116 -22.96 -18.98 27.30
N ALA A 117 -24.01 -19.76 27.57
CA ALA A 117 -24.74 -20.45 26.52
C ALA A 117 -25.31 -19.48 25.49
N GLU A 118 -25.90 -18.40 25.96
CA GLU A 118 -26.49 -17.39 25.08
C GLU A 118 -25.42 -16.73 24.21
N GLN A 119 -24.31 -16.37 24.82
CA GLN A 119 -23.20 -15.74 24.12
C GLN A 119 -22.57 -16.65 23.08
N VAL A 120 -22.45 -17.93 23.40
CA VAL A 120 -21.87 -18.90 22.48
C VAL A 120 -22.66 -18.98 21.19
N ASP A 121 -23.99 -19.01 21.29
CA ASP A 121 -24.84 -19.05 20.11
C ASP A 121 -24.75 -17.77 19.30
N LEU A 122 -24.65 -16.63 20.00
CA LEU A 122 -24.52 -15.34 19.33
C LEU A 122 -23.27 -15.32 18.46
N MET A 123 -22.16 -15.81 19.02
CA MET A 123 -20.89 -15.83 18.30
C MET A 123 -20.93 -16.75 17.10
N ALA A 124 -21.56 -17.92 17.25
CA ALA A 124 -21.65 -18.86 16.12
C ALA A 124 -22.46 -18.24 14.98
N ASN A 125 -23.56 -17.59 15.34
CA ASN A 125 -24.41 -16.95 14.35
C ASN A 125 -23.72 -15.76 13.70
N TYR A 126 -23.05 -14.96 14.52
CA TYR A 126 -22.31 -13.79 14.05
C TYR A 126 -21.32 -14.19 12.96
N LEU A 127 -20.59 -15.28 13.18
CA LEU A 127 -19.60 -15.76 12.25
C LEU A 127 -20.17 -16.21 10.91
N LEU A 128 -21.45 -16.53 10.86
CA LEU A 128 -22.11 -16.97 9.64
C LEU A 128 -22.64 -15.80 8.82
N LEU A 129 -22.60 -14.60 9.39
CA LEU A 129 -23.08 -13.40 8.72
C LEU A 129 -21.93 -12.63 8.09
N ASP A 130 -22.24 -11.75 7.15
CA ASP A 130 -21.24 -10.97 6.44
C ASP A 130 -20.86 -9.73 7.24
N PRO A 131 -19.59 -9.62 7.61
CA PRO A 131 -19.10 -8.52 8.39
C PRO A 131 -18.92 -7.25 7.57
N ALA A 132 -19.19 -6.11 8.18
CA ALA A 132 -18.92 -4.82 7.51
C ALA A 132 -17.53 -4.37 7.97
N ALA A 133 -16.87 -3.55 7.18
CA ALA A 133 -15.56 -3.03 7.60
C ALA A 133 -15.79 -1.77 8.43
N PRO A 134 -15.16 -1.71 9.59
CA PRO A 134 -15.25 -0.54 10.44
C PRO A 134 -14.85 0.70 9.66
N PRO A 135 -15.20 1.87 10.17
CA PRO A 135 -14.89 3.13 9.53
C PRO A 135 -13.39 3.34 9.36
N GLU A 136 -13.08 4.08 8.30
CA GLU A 136 -11.68 4.51 8.06
C GLU A 136 -11.45 5.75 8.92
N PHE A 137 -10.21 6.22 8.98
CA PHE A 137 -9.90 7.42 9.79
C PHE A 137 -8.78 8.18 9.07
N GLY A 138 -9.18 9.07 8.18
CA GLY A 138 -8.27 9.79 7.33
C GLY A 138 -7.93 11.18 7.77
N MET A 139 -7.39 11.99 6.88
CA MET A 139 -6.93 13.33 7.17
C MET A 139 -8.03 14.22 7.71
N LYS A 140 -9.22 14.17 7.14
CA LYS A 140 -10.31 15.03 7.60
C LYS A 140 -10.62 14.73 9.09
N GLU A 141 -10.68 13.47 9.43
CA GLU A 141 -10.94 13.03 10.80
C GLU A 141 -9.80 13.39 11.73
N MET A 142 -8.56 13.24 11.27
CA MET A 142 -7.42 13.60 12.11
C MET A 142 -7.36 15.08 12.40
N ARG A 143 -7.55 15.90 11.36
CA ARG A 143 -7.50 17.34 11.48
C ARG A 143 -8.61 17.89 12.36
N GLU A 144 -9.73 17.17 12.43
CA GLU A 144 -10.85 17.63 13.28
C GLU A 144 -10.52 17.37 14.74
N SER A 145 -9.73 16.33 14.99
CA SER A 145 -9.29 15.97 16.33
C SER A 145 -8.05 16.73 16.76
N TRP A 146 -7.38 17.37 15.84
CA TRP A 146 -6.15 18.08 16.02
C TRP A 146 -6.33 19.43 16.70
N LYS A 147 -5.77 19.53 17.92
CA LYS A 147 -5.87 20.75 18.70
C LYS A 147 -4.48 21.19 19.18
N VAL A 148 -4.11 22.42 18.84
CA VAL A 148 -2.85 22.97 19.32
C VAL A 148 -3.17 23.93 20.49
N HIS A 149 -2.90 23.43 21.70
CA HIS A 149 -3.21 24.21 22.89
C HIS A 149 -2.26 25.37 23.09
N VAL A 150 -0.98 25.15 22.91
CA VAL A 150 0.03 26.19 23.02
C VAL A 150 0.85 26.22 21.72
N ALA A 151 0.61 27.22 20.89
CA ALA A 151 1.37 27.30 19.62
C ALA A 151 2.84 27.41 19.90
N PRO A 152 3.70 26.99 18.98
CA PRO A 152 5.14 27.03 19.17
C PRO A 152 5.67 28.37 19.58
N GLU A 153 5.14 29.46 19.02
CA GLU A 153 5.61 30.80 19.32
C GLU A 153 5.30 31.25 20.73
N ASP A 154 4.35 30.62 21.38
CA ASP A 154 3.95 30.96 22.73
C ASP A 154 4.61 30.06 23.77
N ARG A 155 5.46 29.14 23.33
CA ARG A 155 6.16 28.24 24.26
C ARG A 155 7.49 28.86 24.66
N PRO A 156 8.07 28.36 25.76
CA PRO A 156 9.35 28.82 26.21
C PRO A 156 10.46 28.61 25.19
N THR A 157 11.53 29.39 25.30
CA THR A 157 12.68 29.25 24.42
C THR A 157 13.86 28.63 25.17
N GLN A 158 13.62 28.32 26.44
CA GLN A 158 14.57 27.64 27.30
C GLN A 158 13.76 26.96 28.44
N GLN A 159 14.39 26.04 29.13
CA GLN A 159 13.71 25.33 30.22
C GLN A 159 13.32 26.31 31.32
N GLU A 160 12.05 26.33 31.68
CA GLU A 160 11.51 27.27 32.65
C GLU A 160 11.18 26.67 33.98
N ASN A 161 11.37 25.39 34.16
CA ASN A 161 11.18 24.73 35.49
C ASN A 161 12.59 24.33 35.95
N ASP A 162 12.75 23.88 37.17
CA ASP A 162 14.06 23.50 37.67
C ASP A 162 14.25 22.00 37.76
N TRP A 163 13.44 21.25 37.01
CA TRP A 163 13.47 19.80 37.04
C TRP A 163 14.73 19.28 36.35
N ASP A 164 15.12 18.06 36.71
CA ASP A 164 16.24 17.37 36.05
C ASP A 164 15.58 16.49 34.95
N LEU A 165 15.30 17.14 33.82
CA LEU A 165 14.52 16.50 32.77
C LEU A 165 15.08 15.20 32.27
N GLU A 166 16.39 15.11 32.07
CA GLU A 166 16.97 13.88 31.52
C GLU A 166 16.86 12.70 32.44
N ASN A 167 16.66 12.97 33.76
CA ASN A 167 16.54 11.86 34.71
C ASN A 167 15.10 11.64 35.14
N LEU A 168 14.17 12.26 34.42
CA LEU A 168 12.74 12.09 34.67
C LEU A 168 12.25 10.74 34.13
N PHE A 169 11.29 10.13 34.81
CA PHE A 169 10.63 8.94 34.37
C PHE A 169 9.16 9.28 34.03
N SER A 170 8.74 8.92 32.83
CA SER A 170 7.34 9.05 32.44
C SER A 170 6.64 7.71 32.59
N VAL A 171 5.73 7.60 33.55
CA VAL A 171 5.09 6.39 33.95
C VAL A 171 3.62 6.34 33.64
N THR A 172 3.21 5.29 32.90
CA THR A 172 1.84 5.13 32.53
C THR A 172 0.98 4.74 33.76
N LEU A 173 -0.08 5.48 33.94
CA LEU A 173 -1.07 5.12 35.00
C LEU A 173 -2.30 4.60 34.21
N ARG A 174 -2.19 3.35 33.84
CA ARG A 174 -2.96 2.75 32.76
C ARG A 174 -4.43 3.07 32.75
N ASP A 175 -5.14 2.56 33.75
CA ASP A 175 -6.59 2.69 33.79
C ASP A 175 -7.09 4.05 34.18
N ALA A 176 -6.22 4.95 34.62
CA ALA A 176 -6.59 6.31 34.97
C ALA A 176 -6.53 7.27 33.79
N GLY A 177 -5.95 6.78 32.67
CA GLY A 177 -5.79 7.65 31.50
C GLY A 177 -4.89 8.84 31.81
N GLN A 178 -3.84 8.58 32.60
CA GLN A 178 -2.87 9.58 32.97
C GLN A 178 -1.44 9.03 32.88
N ILE A 179 -0.48 9.92 32.99
CA ILE A 179 0.91 9.59 33.19
C ILE A 179 1.43 10.40 34.40
N ALA A 180 2.40 9.82 35.08
CA ALA A 180 3.12 10.51 36.14
C ALA A 180 4.56 10.81 35.66
N LEU A 181 5.02 12.00 35.92
CA LEU A 181 6.39 12.41 35.67
C LEU A 181 7.11 12.40 37.04
N ILE A 182 8.04 11.48 37.19
CA ILE A 182 8.68 11.25 38.49
C ILE A 182 10.15 11.50 38.44
N ASP A 183 10.66 12.27 39.43
CA ASP A 183 12.07 12.57 39.58
C ASP A 183 12.87 11.29 39.80
N GLY A 184 13.84 11.03 38.94
CA GLY A 184 14.65 9.85 38.96
C GLY A 184 15.56 9.72 40.17
N ALA A 185 15.86 10.83 40.83
CA ALA A 185 16.77 10.79 41.97
C ALA A 185 16.03 10.89 43.30
N THR A 186 15.05 11.73 43.39
CA THR A 186 14.31 11.95 44.65
C THR A 186 13.07 11.11 44.74
N TYR A 187 12.58 10.55 43.62
CA TYR A 187 11.39 9.75 43.56
C TYR A 187 10.13 10.54 43.82
N GLU A 188 10.21 11.87 43.74
CA GLU A 188 9.02 12.70 43.91
C GLU A 188 8.22 12.73 42.59
N ILE A 189 6.93 12.61 42.75
CA ILE A 189 6.02 12.75 41.58
C ILE A 189 5.91 14.24 41.30
N LYS A 190 6.50 14.70 40.19
CA LYS A 190 6.53 16.10 39.83
C LYS A 190 5.20 16.60 39.28
N SER A 191 4.49 15.70 38.60
CA SER A 191 3.20 16.04 38.02
C SER A 191 2.49 14.79 37.52
N VAL A 192 1.17 14.84 37.52
CA VAL A 192 0.30 13.83 36.95
C VAL A 192 -0.56 14.51 35.87
N LEU A 193 -0.42 14.02 34.65
CA LEU A 193 -1.06 14.64 33.49
C LEU A 193 -2.10 13.75 32.85
N ASP A 194 -3.21 14.38 32.43
CA ASP A 194 -4.28 13.67 31.72
C ASP A 194 -3.85 13.36 30.28
N THR A 195 -4.09 12.14 29.86
CA THR A 195 -3.69 11.68 28.52
C THR A 195 -4.81 10.82 27.91
N GLY A 196 -4.47 10.11 26.83
CA GLY A 196 -5.43 9.15 26.26
C GLY A 196 -5.54 7.95 27.21
N TYR A 197 -6.58 7.15 27.04
CA TYR A 197 -6.77 5.98 27.89
C TYR A 197 -5.69 4.94 27.68
N ALA A 198 -5.20 4.38 28.80
CA ALA A 198 -4.23 3.33 28.80
C ALA A 198 -3.06 3.59 27.84
N VAL A 199 -2.39 4.72 28.03
CA VAL A 199 -1.16 4.99 27.26
C VAL A 199 -0.37 3.72 27.13
N HIS A 200 0.07 3.35 25.95
CA HIS A 200 0.86 2.14 25.77
C HIS A 200 2.33 2.39 25.99
N ILE A 201 2.85 3.52 25.48
CA ILE A 201 4.21 3.89 25.62
C ILE A 201 4.37 5.44 25.62
N SER A 202 5.46 5.86 26.24
CA SER A 202 5.98 7.19 26.16
C SER A 202 7.25 7.19 25.27
N ARG A 203 7.40 8.21 24.45
CA ARG A 203 8.59 8.41 23.66
C ARG A 203 9.01 9.86 23.72
N LEU A 204 10.30 10.13 23.62
CA LEU A 204 10.87 11.43 23.74
C LEU A 204 11.44 11.93 22.41
N SER A 205 11.31 13.21 22.18
CA SER A 205 11.98 13.80 20.98
C SER A 205 13.48 13.65 21.18
N ALA A 206 14.26 13.73 20.14
CA ALA A 206 15.70 13.57 20.20
C ALA A 206 16.38 14.59 21.09
N SER A 207 15.84 15.78 21.23
CA SER A 207 16.44 16.80 22.10
C SER A 207 16.06 16.58 23.57
N GLY A 208 15.05 15.79 23.81
CA GLY A 208 14.55 15.52 25.15
C GLY A 208 13.57 16.54 25.64
N ARG A 209 13.18 17.52 24.81
CA ARG A 209 12.24 18.54 25.21
C ARG A 209 10.81 18.08 25.21
N TYR A 210 10.44 17.34 24.14
CA TYR A 210 9.08 16.95 23.93
C TYR A 210 8.77 15.50 24.23
N LEU A 211 7.74 15.31 25.05
CA LEU A 211 7.26 14.01 25.46
C LEU A 211 5.97 13.66 24.72
N PHE A 212 6.01 12.51 24.04
CA PHE A 212 4.88 12.05 23.27
C PHE A 212 4.30 10.78 23.89
N VAL A 213 2.99 10.72 24.04
CA VAL A 213 2.33 9.53 24.53
C VAL A 213 1.18 9.14 23.58
N ILE A 214 0.97 7.85 23.44
CA ILE A 214 -0.13 7.35 22.62
C ILE A 214 -1.00 6.40 23.42
N GLY A 215 -2.31 6.64 23.39
CA GLY A 215 -3.26 5.79 24.09
C GLY A 215 -3.68 4.66 23.15
N ARG A 216 -4.23 3.61 23.70
CA ARG A 216 -4.70 2.48 22.91
C ARG A 216 -5.82 2.86 21.95
N ASP A 217 -6.52 3.95 22.19
CA ASP A 217 -7.59 4.45 21.37
C ASP A 217 -7.13 5.32 20.21
N GLY A 218 -5.82 5.48 20.05
CA GLY A 218 -5.24 6.27 19.01
C GLY A 218 -5.03 7.72 19.31
N LYS A 219 -5.25 8.13 20.57
CA LYS A 219 -5.05 9.49 21.00
C LYS A 219 -3.58 9.79 21.30
N VAL A 220 -3.03 10.79 20.66
CA VAL A 220 -1.66 11.24 20.90
C VAL A 220 -1.64 12.55 21.67
N ASN A 221 -0.84 12.62 22.73
CA ASN A 221 -0.59 13.88 23.42
C ASN A 221 0.91 14.22 23.31
N MET A 222 1.19 15.46 23.07
CA MET A 222 2.52 16.02 23.02
C MET A 222 2.67 17.04 24.19
N ILE A 223 3.66 16.81 25.01
CA ILE A 223 3.90 17.58 26.22
C ILE A 223 5.25 18.28 26.19
N ASP A 224 5.25 19.57 26.50
CA ASP A 224 6.44 20.40 26.51
C ASP A 224 7.09 20.42 27.91
N LEU A 225 8.19 19.71 28.07
CA LEU A 225 8.88 19.62 29.36
C LEU A 225 9.60 20.87 29.75
N TRP A 226 9.69 21.88 28.89
CA TRP A 226 10.33 23.14 29.25
C TRP A 226 9.40 24.11 29.95
N MET A 227 8.10 23.88 29.93
CA MET A 227 7.16 24.82 30.55
C MET A 227 7.31 24.81 32.06
N LYS A 228 7.01 25.97 32.70
CA LYS A 228 7.10 26.00 34.17
C LYS A 228 6.21 24.91 34.76
N GLU A 229 5.05 24.69 34.19
CA GLU A 229 4.18 23.59 34.50
C GLU A 229 3.90 22.78 33.21
N PRO A 230 4.72 21.79 32.97
CA PRO A 230 4.55 20.95 31.77
C PRO A 230 3.14 20.46 31.61
N THR A 231 2.63 20.51 30.38
CA THR A 231 1.28 20.07 30.08
C THR A 231 1.19 19.72 28.58
N THR A 232 0.03 19.28 28.18
CA THR A 232 -0.19 18.96 26.75
C THR A 232 -0.25 20.22 25.92
N VAL A 233 0.64 20.34 24.93
CA VAL A 233 0.67 21.52 24.07
C VAL A 233 -0.06 21.25 22.75
N ALA A 234 -0.22 19.96 22.44
CA ALA A 234 -0.95 19.59 21.22
C ALA A 234 -1.44 18.16 21.36
N GLU A 235 -2.56 17.85 20.71
CA GLU A 235 -3.10 16.52 20.69
C GLU A 235 -3.73 16.22 19.32
N ILE A 236 -3.86 14.95 19.05
CA ILE A 236 -4.49 14.48 17.80
C ILE A 236 -4.87 13.02 17.95
N LYS A 237 -5.87 12.57 17.22
CA LYS A 237 -6.27 11.17 17.20
C LYS A 237 -5.87 10.61 15.80
N ILE A 238 -5.23 9.46 15.79
CA ILE A 238 -4.68 8.95 14.53
C ILE A 238 -5.34 7.68 14.09
N GLY A 239 -6.25 7.14 14.91
CA GLY A 239 -6.92 5.89 14.58
C GLY A 239 -7.91 5.48 15.66
N SER A 240 -8.45 4.29 15.53
CA SER A 240 -9.40 3.74 16.48
C SER A 240 -8.69 2.86 17.49
N GLU A 241 -7.64 2.18 17.01
CA GLU A 241 -6.80 1.29 17.81
C GLU A 241 -5.33 1.53 17.44
N ALA A 242 -4.51 1.88 18.41
CA ALA A 242 -3.09 2.20 18.14
C ALA A 242 -2.20 1.82 19.30
N ARG A 243 -0.95 1.49 19.06
CA ARG A 243 -0.03 1.08 20.09
C ARG A 243 1.33 1.70 20.01
N SER A 244 1.73 2.33 18.89
CA SER A 244 3.09 2.80 18.76
C SER A 244 3.24 4.22 18.30
N ILE A 245 4.34 4.83 18.74
CA ILE A 245 4.72 6.19 18.43
C ILE A 245 6.25 6.32 18.55
N GLU A 246 6.85 7.15 17.72
CA GLU A 246 8.30 7.37 17.79
C GLU A 246 8.64 8.75 17.21
N THR A 247 9.83 9.24 17.53
CA THR A 247 10.32 10.52 17.08
C THR A 247 11.54 10.39 16.17
N SER A 248 11.78 11.42 15.36
CA SER A 248 12.93 11.38 14.43
C SER A 248 14.24 11.44 15.19
N LYS A 249 15.16 10.52 14.91
CA LYS A 249 16.41 10.41 15.66
C LYS A 249 17.65 10.50 14.81
N MET A 250 17.53 10.85 13.53
CA MET A 250 18.72 11.07 12.71
C MET A 250 19.33 12.42 13.06
N GLU A 251 20.65 12.45 13.23
CA GLU A 251 21.35 13.73 13.44
C GLU A 251 20.94 14.75 12.40
N GLY A 252 20.54 15.94 12.83
CA GLY A 252 20.10 17.01 11.98
C GLY A 252 18.58 17.12 11.91
N TRP A 253 17.89 16.05 12.34
CA TRP A 253 16.46 15.98 12.24
C TRP A 253 15.78 15.93 13.61
N GLU A 254 16.52 16.41 14.61
CA GLU A 254 15.97 16.44 15.97
C GLU A 254 14.73 17.31 16.01
N ASP A 255 13.66 16.78 16.62
CA ASP A 255 12.42 17.41 16.83
C ASP A 255 11.60 17.71 15.60
N LYS A 256 12.03 17.17 14.44
CA LYS A 256 11.35 17.47 13.19
C LYS A 256 10.05 16.75 13.01
N TYR A 257 9.97 15.47 13.38
CA TYR A 257 8.80 14.67 13.17
C TYR A 257 8.51 13.66 14.28
N ALA A 258 7.26 13.28 14.37
CA ALA A 258 6.80 12.15 15.13
C ALA A 258 6.00 11.23 14.18
N ILE A 259 5.93 9.98 14.50
CA ILE A 259 5.17 9.01 13.71
C ILE A 259 4.34 8.14 14.63
N ALA A 260 3.11 7.84 14.27
CA ALA A 260 2.27 6.95 15.05
C ALA A 260 1.80 5.79 14.19
N GLY A 261 1.64 4.62 14.77
CA GLY A 261 1.16 3.45 14.04
C GLY A 261 -0.12 2.92 14.66
N ALA A 262 -1.05 2.48 13.81
CA ALA A 262 -2.33 1.99 14.28
C ALA A 262 -2.59 0.54 13.86
N TYR A 263 -3.35 -0.16 14.70
CA TYR A 263 -3.87 -1.48 14.40
C TYR A 263 -5.08 -1.31 13.45
N TRP A 264 -5.98 -0.39 13.83
CA TRP A 264 -7.08 -0.04 12.98
C TRP A 264 -7.30 1.46 12.91
N PRO A 265 -7.43 2.03 11.73
CA PRO A 265 -7.22 1.31 10.46
C PRO A 265 -5.77 0.93 10.30
N PRO A 266 -5.43 0.10 9.34
CA PRO A 266 -4.04 -0.34 9.13
C PRO A 266 -3.26 0.76 8.43
N GLN A 267 -2.58 1.60 9.20
CA GLN A 267 -1.90 2.77 8.67
C GLN A 267 -0.90 3.36 9.68
N TYR A 268 -0.01 4.17 9.16
CA TYR A 268 0.89 4.97 10.00
C TYR A 268 0.80 6.42 9.53
N VAL A 269 1.06 7.37 10.44
CA VAL A 269 0.95 8.78 10.17
C VAL A 269 2.19 9.56 10.64
N ILE A 270 2.80 10.30 9.72
CA ILE A 270 3.91 11.19 10.05
C ILE A 270 3.44 12.57 10.37
N MET A 271 3.69 13.06 11.58
CA MET A 271 3.22 14.32 12.07
C MET A 271 4.34 15.32 12.32
N ASP A 272 3.99 16.61 12.25
CA ASP A 272 4.96 17.68 12.55
C ASP A 272 5.43 17.52 14.01
N GLY A 273 6.71 17.56 14.23
CA GLY A 273 7.32 17.36 15.53
C GLY A 273 7.04 18.46 16.52
N GLU A 274 6.62 19.61 16.06
CA GLU A 274 6.32 20.74 16.93
C GLU A 274 4.83 20.93 17.19
N THR A 275 3.99 20.62 16.21
CA THR A 275 2.57 20.93 16.32
C THR A 275 1.67 19.72 16.31
N LEU A 276 2.15 18.56 15.85
CA LEU A 276 1.42 17.37 15.60
C LEU A 276 0.57 17.44 14.31
N GLU A 277 0.74 18.48 13.52
CA GLU A 277 -0.07 18.53 12.26
C GLU A 277 0.17 17.23 11.49
N PRO A 278 -0.88 16.57 11.07
CA PRO A 278 -0.74 15.32 10.31
C PRO A 278 -0.28 15.64 8.90
N LYS A 279 0.89 15.16 8.52
CA LYS A 279 1.49 15.47 7.23
C LYS A 279 1.37 14.37 6.22
N LYS A 280 1.52 13.12 6.60
CA LYS A 280 1.50 12.01 5.64
C LYS A 280 0.92 10.76 6.28
N ILE A 281 -0.16 10.26 5.70
CA ILE A 281 -0.79 9.03 6.17
C ILE A 281 -0.51 7.93 5.12
N GLN A 282 -0.03 6.81 5.56
CA GLN A 282 0.25 5.69 4.64
C GLN A 282 -0.51 4.46 5.08
N SER A 283 -1.28 3.86 4.19
CA SER A 283 -1.94 2.60 4.43
C SER A 283 -0.93 1.45 4.43
N THR A 284 -1.14 0.47 5.31
CA THR A 284 -0.32 -0.71 5.36
C THR A 284 -0.99 -1.93 4.75
N ARG A 285 -2.18 -1.72 4.19
CA ARG A 285 -2.84 -2.83 3.45
C ARG A 285 -1.94 -3.24 2.30
N GLY A 286 -1.83 -4.52 2.06
CA GLY A 286 -0.94 -4.99 1.00
C GLY A 286 -0.75 -6.48 1.00
N MET A 287 0.33 -6.94 0.35
CA MET A 287 0.60 -8.34 0.17
C MET A 287 1.49 -8.96 1.18
N THR A 288 1.19 -10.20 1.57
CA THR A 288 2.10 -10.95 2.47
C THR A 288 3.41 -11.19 1.75
N TYR A 289 4.53 -11.15 2.46
CA TYR A 289 5.82 -11.27 1.80
C TYR A 289 6.09 -12.63 1.19
N ASP A 290 5.57 -13.68 1.79
CA ASP A 290 5.86 -15.04 1.40
C ASP A 290 4.91 -15.62 0.37
N GLU A 291 3.64 -15.69 0.71
CA GLU A 291 2.65 -16.30 -0.20
C GLU A 291 2.17 -15.28 -1.23
N GLN A 292 2.49 -14.02 -1.02
CA GLN A 292 2.08 -12.91 -1.83
C GLN A 292 0.59 -12.95 -2.14
N GLU A 293 -0.19 -12.82 -1.09
CA GLU A 293 -1.63 -12.74 -1.12
C GLU A 293 -2.06 -11.46 -0.38
N TYR A 294 -3.08 -10.80 -0.87
CA TYR A 294 -3.56 -9.57 -0.29
C TYR A 294 -4.09 -9.81 1.13
N HIS A 295 -3.70 -8.91 2.02
CA HIS A 295 -4.16 -8.95 3.40
C HIS A 295 -4.74 -7.57 3.73
N PRO A 296 -6.02 -7.52 4.11
CA PRO A 296 -6.72 -6.30 4.33
C PRO A 296 -6.59 -5.73 5.75
N GLU A 297 -5.75 -6.36 6.58
CA GLU A 297 -5.60 -5.85 7.96
C GLU A 297 -4.23 -6.03 8.53
N PRO A 298 -3.20 -5.46 7.92
CA PRO A 298 -1.82 -5.59 8.38
C PRO A 298 -1.49 -4.52 9.41
N ARG A 299 -1.56 -4.94 10.69
CA ARG A 299 -1.39 -3.98 11.77
C ARG A 299 0.03 -3.48 11.90
N VAL A 300 0.14 -2.20 12.30
CA VAL A 300 1.45 -1.61 12.57
C VAL A 300 1.85 -1.98 14.01
N ALA A 301 3.00 -2.56 14.15
CA ALA A 301 3.51 -2.95 15.49
C ALA A 301 4.54 -1.93 15.91
N ALA A 302 5.75 -2.38 16.28
CA ALA A 302 6.75 -1.44 16.77
C ALA A 302 7.19 -0.46 15.70
N ILE A 303 7.47 0.77 16.13
CA ILE A 303 8.08 1.77 15.25
C ILE A 303 9.37 2.28 15.92
N LEU A 304 10.48 2.19 15.21
CA LEU A 304 11.74 2.74 15.71
C LEU A 304 12.23 3.83 14.77
N ALA A 305 13.31 4.49 15.13
CA ALA A 305 13.87 5.56 14.30
C ALA A 305 15.32 5.28 14.02
N SER A 306 15.71 5.36 12.72
CA SER A 306 17.09 5.12 12.35
C SER A 306 18.03 6.20 12.84
N HIS A 307 19.25 5.79 13.20
CA HIS A 307 20.32 6.69 13.57
C HIS A 307 21.31 6.89 12.42
N TYR A 308 21.14 6.05 11.38
CA TYR A 308 22.03 6.09 10.22
C TYR A 308 21.48 6.87 9.06
N ARG A 309 20.18 6.88 8.87
CA ARG A 309 19.53 7.62 7.80
C ARG A 309 18.30 8.32 8.35
N PRO A 310 17.81 9.35 7.69
CA PRO A 310 16.63 10.07 8.09
C PRO A 310 15.38 9.26 7.79
N GLU A 311 15.18 8.17 8.49
CA GLU A 311 14.15 7.21 8.27
C GLU A 311 13.44 6.74 9.54
N PHE A 312 12.18 6.38 9.39
CA PHE A 312 11.45 5.67 10.44
C PHE A 312 11.44 4.17 10.06
N ILE A 313 11.44 3.31 11.05
CA ILE A 313 11.48 1.88 10.91
C ILE A 313 10.16 1.29 11.41
N VAL A 314 9.34 0.82 10.48
CA VAL A 314 7.98 0.43 10.78
C VAL A 314 7.72 -1.04 10.57
N ASN A 315 7.34 -1.76 11.63
CA ASN A 315 6.96 -3.15 11.54
C ASN A 315 5.50 -3.32 11.16
N VAL A 316 5.27 -4.03 10.06
CA VAL A 316 3.93 -4.36 9.61
C VAL A 316 3.71 -5.87 9.80
N LYS A 317 2.89 -6.18 10.79
CA LYS A 317 2.72 -7.49 11.33
C LYS A 317 2.28 -8.60 10.42
N GLU A 318 1.07 -8.55 9.91
CA GLU A 318 0.48 -9.68 9.22
C GLU A 318 1.10 -9.93 7.84
N THR A 319 1.69 -8.89 7.26
CA THR A 319 2.33 -9.08 5.93
C THR A 319 3.80 -9.40 6.03
N GLY A 320 4.41 -9.19 7.22
CA GLY A 320 5.80 -9.51 7.44
C GLY A 320 6.75 -8.60 6.67
N LYS A 321 6.42 -7.32 6.67
CA LYS A 321 7.23 -6.32 5.97
C LYS A 321 7.79 -5.31 7.00
N ILE A 322 9.04 -4.98 6.84
CA ILE A 322 9.64 -3.87 7.63
C ILE A 322 9.82 -2.70 6.68
N LEU A 323 9.25 -1.57 6.96
CA LEU A 323 9.32 -0.40 6.13
C LEU A 323 10.36 0.59 6.63
N LEU A 324 11.24 1.02 5.75
CA LEU A 324 12.17 2.11 6.05
C LEU A 324 11.62 3.36 5.32
N VAL A 325 11.09 4.28 6.06
CA VAL A 325 10.37 5.44 5.52
C VAL A 325 11.17 6.69 5.63
N ASP A 326 11.64 7.22 4.49
CA ASP A 326 12.48 8.40 4.47
C ASP A 326 11.67 9.67 4.61
N TYR A 327 11.87 10.44 5.69
CA TYR A 327 11.09 11.61 5.98
C TYR A 327 11.68 12.93 5.51
N THR A 328 12.68 12.86 4.63
CA THR A 328 13.30 14.05 4.09
C THR A 328 12.42 14.73 3.02
N ASP A 329 11.57 13.94 2.39
CA ASP A 329 10.62 14.46 1.40
C ASP A 329 9.33 13.69 1.46
N LEU A 330 8.26 14.29 2.02
CA LEU A 330 7.01 13.61 2.19
C LEU A 330 6.13 13.62 0.95
N ASP A 331 6.50 14.44 -0.05
CA ASP A 331 5.71 14.51 -1.28
C ASP A 331 6.26 13.52 -2.33
N ASN A 332 7.55 13.42 -2.39
CA ASN A 332 8.19 12.38 -3.26
C ASN A 332 8.74 11.33 -2.29
N LEU A 333 7.84 10.49 -1.81
CA LEU A 333 8.13 9.65 -0.66
C LEU A 333 8.91 8.41 -0.97
N LYS A 334 10.15 8.34 -0.49
CA LYS A 334 10.98 7.17 -0.65
C LYS A 334 10.77 6.17 0.50
N THR A 335 10.46 4.95 0.19
CA THR A 335 10.40 3.89 1.19
C THR A 335 11.16 2.66 0.69
N THR A 336 11.58 1.83 1.64
CA THR A 336 12.13 0.51 1.31
C THR A 336 11.24 -0.53 1.99
N GLU A 337 10.58 -1.36 1.26
CA GLU A 337 9.68 -2.39 1.84
C GLU A 337 10.43 -3.69 1.91
N ILE A 338 10.88 -4.07 3.11
CA ILE A 338 11.71 -5.24 3.30
C ILE A 338 10.91 -6.47 3.65
N SER A 339 11.00 -7.47 2.75
CA SER A 339 10.37 -8.76 3.06
C SER A 339 11.13 -9.42 4.21
N ALA A 340 10.38 -9.73 5.27
CA ALA A 340 11.04 -10.25 6.50
C ALA A 340 10.43 -11.58 6.92
N GLU A 341 9.61 -11.56 7.96
CA GLU A 341 8.89 -12.74 8.42
C GLU A 341 7.55 -12.29 9.01
N ARG A 342 6.50 -13.06 8.86
CA ARG A 342 5.20 -12.69 9.37
C ARG A 342 5.21 -12.65 10.90
N PHE A 343 4.34 -11.83 11.46
CA PHE A 343 4.10 -11.68 12.87
C PHE A 343 5.15 -10.87 13.61
N LEU A 344 5.75 -9.94 12.90
CA LEU A 344 6.62 -8.92 13.44
C LEU A 344 5.87 -8.14 14.56
N HIS A 345 6.61 -8.01 15.67
CA HIS A 345 6.04 -7.26 16.79
C HIS A 345 6.98 -6.19 17.26
N ASP A 346 7.79 -6.53 18.30
CA ASP A 346 8.69 -5.56 18.89
C ASP A 346 10.13 -5.86 18.58
N GLY A 347 11.03 -4.96 18.98
CA GLY A 347 12.45 -5.14 18.66
C GLY A 347 13.23 -3.91 19.11
N GLY A 348 14.54 -3.96 18.86
CA GLY A 348 15.41 -2.86 19.20
C GLY A 348 16.63 -2.79 18.31
N LEU A 349 17.35 -1.70 18.42
CA LEU A 349 18.63 -1.57 17.72
C LEU A 349 19.74 -2.21 18.56
N ASP A 350 20.78 -2.70 17.88
CA ASP A 350 21.94 -3.22 18.60
C ASP A 350 22.67 -2.06 19.28
N GLY A 351 23.78 -2.40 19.93
CA GLY A 351 24.52 -1.38 20.68
C GLY A 351 25.10 -0.28 19.84
N SER A 352 25.46 -0.60 18.58
CA SER A 352 26.01 0.39 17.67
C SER A 352 24.91 1.24 17.04
N HIS A 353 23.66 0.86 17.22
CA HIS A 353 22.51 1.51 16.68
C HIS A 353 22.42 1.38 15.14
N ARG A 354 23.08 0.38 14.58
CA ARG A 354 23.02 0.19 13.12
C ARG A 354 22.05 -0.88 12.70
N TYR A 355 21.87 -1.94 13.47
CA TYR A 355 21.05 -3.06 13.10
C TYR A 355 19.78 -3.14 13.91
N PHE A 356 18.65 -3.34 13.25
CA PHE A 356 17.35 -3.50 13.89
C PHE A 356 17.05 -4.99 14.02
N ILE A 357 16.85 -5.43 15.25
CA ILE A 357 16.63 -6.82 15.60
C ILE A 357 15.22 -6.96 16.17
N THR A 358 14.35 -7.65 15.45
CA THR A 358 12.94 -7.71 15.81
C THR A 358 12.39 -9.10 15.82
N ALA A 359 11.43 -9.35 16.70
CA ALA A 359 10.78 -10.62 16.85
C ALA A 359 9.55 -10.78 15.94
N ALA A 360 9.67 -11.79 15.07
CA ALA A 360 8.39 -12.28 14.40
C ALA A 360 7.91 -13.33 15.42
N ASN A 361 7.20 -12.84 16.44
CA ASN A 361 6.94 -13.72 17.59
C ASN A 361 6.29 -15.02 17.37
N ALA A 362 5.20 -15.09 16.59
CA ALA A 362 4.49 -16.36 16.39
C ALA A 362 5.32 -17.39 15.65
N ARG A 363 6.38 -16.98 14.96
CA ARG A 363 7.22 -17.88 14.22
C ARG A 363 8.56 -18.11 14.86
N ASN A 364 8.65 -17.64 16.13
CA ASN A 364 9.90 -17.82 16.88
C ASN A 364 11.08 -17.46 16.00
N LYS A 365 11.21 -16.22 15.58
CA LYS A 365 12.35 -15.82 14.75
C LYS A 365 12.80 -14.41 15.15
N LEU A 366 14.06 -14.13 14.92
CA LEU A 366 14.60 -12.80 15.08
C LEU A 366 15.10 -12.30 13.70
N VAL A 367 14.42 -11.31 13.20
CA VAL A 367 14.78 -10.71 11.92
C VAL A 367 15.78 -9.58 12.18
N VAL A 368 16.85 -9.55 11.41
CA VAL A 368 17.86 -8.50 11.54
C VAL A 368 17.91 -7.67 10.25
N ILE A 369 17.78 -6.37 10.37
CA ILE A 369 17.88 -5.48 9.21
C ILE A 369 19.11 -4.56 9.40
N ASP A 370 19.82 -4.33 8.33
CA ASP A 370 20.92 -3.32 8.38
C ASP A 370 20.35 -1.98 8.00
N THR A 371 20.17 -1.06 8.96
CA THR A 371 19.59 0.23 8.69
C THR A 371 20.48 1.13 7.87
N LYS A 372 21.76 0.83 7.76
CA LYS A 372 22.67 1.64 6.95
C LYS A 372 22.48 1.33 5.46
N GLU A 373 22.42 0.04 5.18
CA GLU A 373 22.32 -0.42 3.78
C GLU A 373 20.89 -0.61 3.35
N GLY A 374 19.94 -0.64 4.27
CA GLY A 374 18.53 -0.76 3.95
C GLY A 374 18.16 -2.14 3.46
N LYS A 375 18.66 -3.20 4.12
CA LYS A 375 18.36 -4.54 3.67
C LYS A 375 18.30 -5.57 4.79
N LEU A 376 17.60 -6.65 4.52
CA LEU A 376 17.58 -7.79 5.45
C LEU A 376 18.96 -8.45 5.49
N VAL A 377 19.41 -8.80 6.69
CA VAL A 377 20.68 -9.48 6.86
C VAL A 377 20.57 -10.89 7.38
N ALA A 378 19.57 -11.19 8.19
CA ALA A 378 19.41 -12.51 8.75
C ALA A 378 18.02 -12.76 9.33
N ILE A 379 17.64 -14.00 9.39
CA ILE A 379 16.46 -14.50 10.06
C ILE A 379 16.82 -15.80 10.79
N GLU A 380 16.67 -15.80 12.12
CA GLU A 380 17.14 -16.94 12.91
C GLU A 380 16.12 -17.34 13.98
N ASP A 381 15.92 -18.62 14.17
CA ASP A 381 15.00 -19.12 15.20
C ASP A 381 15.72 -19.10 16.55
N THR A 382 15.03 -18.56 17.55
CA THR A 382 15.66 -18.42 18.87
C THR A 382 15.75 -19.74 19.62
N GLY A 383 14.98 -20.74 19.22
CA GLY A 383 14.97 -22.01 19.96
C GLY A 383 13.96 -21.94 21.10
N GLY A 384 13.33 -20.79 21.29
CA GLY A 384 12.33 -20.59 22.30
C GLY A 384 10.96 -20.38 21.72
N GLN A 385 9.93 -20.24 22.54
CA GLN A 385 8.57 -20.06 22.09
C GLN A 385 8.11 -18.62 22.35
N THR A 386 7.87 -17.91 21.27
CA THR A 386 7.32 -16.58 21.29
C THR A 386 8.22 -15.56 21.95
N PRO A 387 9.33 -15.21 21.30
CA PRO A 387 10.22 -14.18 21.78
C PRO A 387 9.53 -12.84 21.91
N HIS A 388 9.74 -12.16 23.04
CA HIS A 388 9.14 -10.88 23.30
C HIS A 388 10.19 -9.97 23.96
N PRO A 389 11.02 -9.32 23.19
CA PRO A 389 12.13 -8.58 23.69
C PRO A 389 11.82 -7.24 24.32
N GLY A 390 10.73 -6.61 23.99
CA GLY A 390 10.61 -5.14 24.13
C GLY A 390 11.61 -4.53 23.12
N ARG A 391 12.48 -3.68 23.59
CA ARG A 391 13.60 -3.16 22.80
C ARG A 391 14.84 -4.03 22.94
N GLY A 392 14.78 -5.02 23.86
CA GLY A 392 15.80 -5.99 24.09
C GLY A 392 16.92 -5.48 24.99
N ALA A 393 17.98 -6.26 25.10
CA ALA A 393 19.10 -5.88 25.97
C ALA A 393 20.43 -6.09 25.30
N ASN A 394 21.16 -5.03 25.08
CA ASN A 394 22.49 -5.10 24.47
C ASN A 394 23.55 -5.15 25.57
N PHE A 395 24.49 -6.04 25.45
CA PHE A 395 25.63 -6.08 26.38
C PHE A 395 26.85 -6.72 25.72
N VAL A 396 27.98 -6.62 26.40
CA VAL A 396 29.21 -7.26 25.92
C VAL A 396 29.43 -8.56 26.70
N HIS A 397 29.14 -9.67 26.05
CA HIS A 397 29.34 -10.99 26.66
C HIS A 397 30.83 -11.26 26.77
N PRO A 398 31.30 -11.72 27.93
CA PRO A 398 32.71 -11.94 28.16
C PRO A 398 33.39 -12.81 27.13
N THR A 399 32.69 -13.79 26.57
CA THR A 399 33.32 -14.66 25.57
C THR A 399 32.87 -14.34 24.15
N PHE A 400 31.58 -14.11 23.98
CA PHE A 400 31.01 -13.90 22.66
C PHE A 400 31.18 -12.52 22.09
N GLY A 401 31.39 -11.49 22.87
CA GLY A 401 31.46 -10.11 22.42
C GLY A 401 30.07 -9.48 22.43
N PRO A 402 29.88 -8.41 21.68
CA PRO A 402 28.61 -7.73 21.59
C PRO A 402 27.45 -8.63 21.22
N VAL A 403 26.43 -8.64 22.10
CA VAL A 403 25.23 -9.41 21.92
C VAL A 403 23.98 -8.59 22.32
N TRP A 404 22.85 -9.01 21.74
CA TRP A 404 21.53 -8.47 22.10
C TRP A 404 20.73 -9.64 22.67
N ALA A 405 19.90 -9.48 23.68
CA ALA A 405 19.18 -10.58 24.27
C ALA A 405 17.68 -10.36 24.29
N THR A 406 16.96 -11.47 24.24
CA THR A 406 15.53 -11.48 24.39
C THR A 406 15.08 -12.64 25.28
N SER A 407 13.99 -12.38 26.04
CA SER A 407 13.32 -13.46 26.75
C SER A 407 12.06 -13.82 25.99
N HIS A 408 11.27 -14.75 26.45
CA HIS A 408 10.14 -15.30 25.73
C HIS A 408 8.88 -15.33 26.57
N MET A 409 7.72 -15.20 25.92
CA MET A 409 6.44 -15.34 26.61
C MET A 409 6.06 -16.79 26.80
N GLY A 410 6.43 -17.65 25.84
CA GLY A 410 6.02 -19.04 25.85
C GLY A 410 6.84 -20.00 26.63
N ASP A 411 8.04 -19.64 27.06
CA ASP A 411 8.90 -20.49 27.86
C ASP A 411 9.84 -19.64 28.70
N ASP A 412 10.71 -20.28 29.49
CA ASP A 412 11.58 -19.59 30.39
C ASP A 412 12.91 -19.18 29.83
N SER A 413 13.08 -19.27 28.49
CA SER A 413 14.38 -19.10 27.90
C SER A 413 14.76 -17.66 27.57
N VAL A 414 16.05 -17.42 27.67
CA VAL A 414 16.72 -16.20 27.29
C VAL A 414 17.69 -16.56 26.14
N ALA A 415 17.59 -15.87 25.03
CA ALA A 415 18.44 -16.16 23.88
C ALA A 415 19.35 -14.98 23.57
N LEU A 416 20.59 -15.25 23.18
CA LEU A 416 21.56 -14.23 22.85
C LEU A 416 21.92 -14.34 21.33
N ILE A 417 21.93 -13.19 20.69
CA ILE A 417 22.37 -13.19 19.26
C ILE A 417 23.59 -12.31 19.13
N GLY A 418 24.59 -12.72 18.35
CA GLY A 418 25.79 -11.92 18.12
C GLY A 418 25.52 -10.71 17.26
N THR A 419 26.02 -9.52 17.64
CA THR A 419 25.70 -8.31 16.87
C THR A 419 26.88 -7.57 16.31
N ASP A 420 28.00 -8.26 16.09
CA ASP A 420 29.22 -7.59 15.64
C ASP A 420 29.87 -8.28 14.46
N PRO A 421 29.38 -7.96 13.26
CA PRO A 421 29.92 -8.55 12.05
C PRO A 421 31.38 -8.18 11.82
N GLU A 422 31.81 -7.00 12.19
CA GLU A 422 33.18 -6.56 11.96
C GLU A 422 34.17 -7.22 12.89
N GLY A 423 33.90 -7.15 14.20
CA GLY A 423 34.80 -7.66 15.19
C GLY A 423 34.68 -9.10 15.56
N HIS A 424 33.49 -9.68 15.43
CA HIS A 424 33.21 -11.06 15.78
C HIS A 424 32.36 -11.72 14.68
N PRO A 425 32.92 -11.81 13.48
CA PRO A 425 32.18 -12.30 12.33
C PRO A 425 31.59 -13.68 12.47
N ASP A 426 32.27 -14.60 13.14
CA ASP A 426 31.80 -15.95 13.32
C ASP A 426 30.60 -16.05 14.24
N ASN A 427 30.37 -15.03 15.07
CA ASN A 427 29.26 -15.01 15.98
C ASN A 427 28.10 -14.14 15.51
N ALA A 428 28.31 -13.33 14.48
CA ALA A 428 27.32 -12.37 14.04
C ALA A 428 26.05 -13.01 13.52
N TRP A 429 24.92 -12.56 14.02
CA TRP A 429 23.60 -12.99 13.66
C TRP A 429 23.35 -14.46 13.85
N LYS A 430 24.05 -15.09 14.81
CA LYS A 430 23.82 -16.45 15.20
C LYS A 430 23.31 -16.49 16.66
N ILE A 431 22.45 -17.43 16.95
CA ILE A 431 21.99 -17.62 18.35
C ILE A 431 23.11 -18.33 19.10
N LEU A 432 23.75 -17.65 20.03
CA LEU A 432 24.99 -18.11 20.63
C LEU A 432 24.75 -18.89 21.91
N ASP A 433 23.62 -18.62 22.55
CA ASP A 433 23.29 -19.32 23.80
C ASP A 433 21.80 -19.16 24.08
N SER A 434 21.27 -20.04 24.90
CA SER A 434 19.88 -20.08 25.32
C SER A 434 19.88 -20.74 26.72
N PHE A 435 19.29 -20.05 27.68
CA PHE A 435 19.28 -20.55 29.06
C PHE A 435 18.03 -20.08 29.78
N PRO A 436 17.63 -20.81 30.82
CA PRO A 436 16.44 -20.52 31.56
C PRO A 436 16.56 -19.40 32.59
N ALA A 437 15.45 -18.69 32.73
CA ALA A 437 15.29 -17.65 33.76
C ALA A 437 14.22 -18.11 34.73
N LEU A 438 13.38 -17.23 35.25
CA LEU A 438 12.40 -17.62 36.26
C LEU A 438 11.33 -18.56 35.78
N GLY A 439 10.75 -18.31 34.62
CA GLY A 439 9.64 -19.11 34.13
C GLY A 439 9.06 -18.47 32.86
N GLY A 440 8.06 -19.09 32.29
CA GLY A 440 7.41 -18.55 31.10
C GLY A 440 6.63 -17.29 31.43
N GLY A 441 6.12 -16.61 30.40
CA GLY A 441 5.34 -15.40 30.58
C GLY A 441 6.21 -14.17 30.75
N SER A 442 7.46 -14.23 30.32
CA SER A 442 8.33 -13.06 30.41
C SER A 442 7.95 -12.03 29.34
N LEU A 443 8.07 -10.77 29.67
CA LEU A 443 7.82 -9.70 28.72
C LEU A 443 9.01 -8.85 28.44
N PHE A 444 9.84 -8.51 29.42
CA PHE A 444 10.90 -7.58 29.28
C PHE A 444 12.22 -7.99 29.89
N ILE A 445 13.28 -7.82 29.15
CA ILE A 445 14.66 -8.04 29.54
C ILE A 445 15.38 -6.71 29.57
N LYS A 446 16.33 -6.50 30.50
CA LYS A 446 16.92 -5.17 30.60
C LYS A 446 18.34 -5.17 31.12
N THR A 447 19.11 -4.25 30.58
CA THR A 447 20.47 -3.98 31.06
C THR A 447 20.85 -2.55 30.72
N HIS A 448 22.03 -2.13 31.10
CA HIS A 448 22.56 -0.79 30.81
C HIS A 448 24.08 -0.88 30.73
N PRO A 449 24.74 -0.04 29.93
CA PRO A 449 26.18 -0.06 29.79
C PRO A 449 26.94 0.01 31.11
N ASN A 450 26.39 0.69 32.10
CA ASN A 450 27.07 0.81 33.40
C ASN A 450 26.76 -0.32 34.36
N SER A 451 25.90 -1.24 34.04
CA SER A 451 25.52 -2.36 34.87
C SER A 451 26.19 -3.67 34.44
N GLN A 452 26.45 -4.55 35.41
CA GLN A 452 26.96 -5.87 35.09
C GLN A 452 25.85 -6.92 35.10
N TYR A 453 24.59 -6.45 35.19
CA TYR A 453 23.47 -7.32 35.37
C TYR A 453 22.44 -7.31 34.25
N LEU A 454 21.84 -8.46 34.06
CA LEU A 454 20.77 -8.68 33.06
C LEU A 454 19.50 -9.10 33.82
N TYR A 455 18.49 -8.25 33.75
CA TYR A 455 17.24 -8.43 34.47
C TYR A 455 16.15 -9.02 33.59
N VAL A 456 15.41 -9.99 34.07
CA VAL A 456 14.38 -10.64 33.27
C VAL A 456 13.11 -10.83 34.07
N ASP A 457 12.00 -10.26 33.63
CA ASP A 457 10.72 -10.40 34.32
C ASP A 457 9.97 -11.64 33.88
N ALA A 458 8.86 -11.92 34.56
CA ALA A 458 8.04 -13.12 34.28
C ALA A 458 6.57 -12.76 34.53
N THR A 459 6.19 -11.58 34.03
CA THR A 459 4.95 -10.92 34.22
C THR A 459 3.72 -11.78 34.10
N LEU A 460 3.62 -12.58 33.02
CA LEU A 460 2.44 -13.34 32.74
C LEU A 460 2.43 -14.73 33.29
N ASN A 461 3.45 -15.11 34.06
CA ASN A 461 3.48 -16.43 34.67
C ASN A 461 2.26 -16.62 35.55
N PRO A 462 1.64 -17.79 35.51
CA PRO A 462 0.47 -18.09 36.30
C PRO A 462 0.78 -18.23 37.78
N GLU A 463 2.04 -18.45 38.12
CA GLU A 463 2.44 -18.60 39.53
C GLU A 463 2.75 -17.26 40.15
N ALA A 464 1.93 -16.84 41.12
CA ALA A 464 2.09 -15.53 41.75
C ALA A 464 3.49 -15.19 42.18
N GLU A 465 4.19 -16.08 42.85
CA GLU A 465 5.55 -15.81 43.30
C GLU A 465 6.52 -15.57 42.14
N ILE A 466 6.32 -16.27 41.03
CA ILE A 466 7.17 -16.06 39.85
C ILE A 466 6.85 -14.74 39.18
N SER A 467 5.58 -14.42 38.99
CA SER A 467 5.14 -13.22 38.34
C SER A 467 5.49 -11.98 39.16
N GLY A 468 5.67 -12.16 40.47
CA GLY A 468 6.05 -11.07 41.35
C GLY A 468 7.53 -10.97 41.60
N SER A 469 8.36 -11.66 40.85
CA SER A 469 9.80 -11.62 41.00
C SER A 469 10.53 -11.39 39.68
N VAL A 470 11.81 -11.15 39.77
CA VAL A 470 12.65 -10.91 38.58
C VAL A 470 13.94 -11.70 38.70
N ALA A 471 14.39 -12.30 37.59
CA ALA A 471 15.65 -12.98 37.54
C ALA A 471 16.78 -12.02 37.17
N VAL A 472 17.93 -12.13 37.83
CA VAL A 472 19.05 -11.27 37.52
C VAL A 472 20.33 -12.07 37.31
N PHE A 473 20.86 -11.99 36.08
CA PHE A 473 22.08 -12.69 35.74
C PHE A 473 23.30 -11.75 35.83
N ASP A 474 24.42 -12.31 36.28
CA ASP A 474 25.67 -11.57 36.32
C ASP A 474 26.42 -11.76 35.01
N ILE A 475 26.37 -10.73 34.16
CA ILE A 475 27.04 -10.79 32.85
C ILE A 475 28.51 -11.10 32.98
N LYS A 476 29.20 -10.56 34.00
CA LYS A 476 30.61 -10.81 34.16
C LYS A 476 30.96 -12.27 34.36
N ALA A 477 30.07 -13.05 34.96
CA ALA A 477 30.31 -14.45 35.23
C ALA A 477 29.99 -15.34 34.03
N MET A 478 29.34 -14.79 33.01
CA MET A 478 28.95 -15.60 31.85
C MET A 478 30.18 -16.07 31.08
N THR A 479 30.20 -17.36 30.76
CA THR A 479 31.34 -17.94 30.04
C THR A 479 30.92 -18.42 28.66
N GLY A 480 29.64 -18.73 28.49
CA GLY A 480 29.15 -19.25 27.22
C GLY A 480 29.67 -20.66 26.98
N ASP A 481 29.86 -21.42 28.06
CA ASP A 481 30.37 -22.79 27.97
C ASP A 481 29.28 -23.80 27.76
N GLY A 482 28.01 -23.38 27.64
CA GLY A 482 26.92 -24.29 27.42
C GLY A 482 26.12 -24.63 28.66
N SER A 483 26.65 -24.30 29.83
CA SER A 483 25.92 -24.54 31.09
C SER A 483 24.87 -23.44 31.24
N ASP A 484 23.97 -23.61 32.20
CA ASP A 484 22.94 -22.59 32.44
C ASP A 484 23.43 -21.61 33.49
N PRO A 485 23.66 -20.37 33.11
CA PRO A 485 24.13 -19.35 34.04
C PRO A 485 23.18 -19.26 35.23
N GLU A 486 23.75 -19.12 36.43
CA GLU A 486 22.86 -18.97 37.60
C GLU A 486 22.31 -17.54 37.65
N PHE A 487 21.17 -17.39 38.34
CA PHE A 487 20.60 -16.07 38.50
C PHE A 487 20.17 -15.86 39.96
N LYS A 488 20.12 -14.61 40.34
CA LYS A 488 19.58 -14.22 41.66
C LYS A 488 18.09 -13.88 41.46
N THR A 489 17.25 -14.22 42.41
CA THR A 489 15.84 -13.93 42.31
C THR A 489 15.48 -12.75 43.22
N LEU A 490 15.08 -11.63 42.64
CA LEU A 490 14.67 -10.47 43.43
C LEU A 490 13.17 -10.53 43.65
N PRO A 491 12.74 -10.53 44.90
CA PRO A 491 11.34 -10.60 45.26
C PRO A 491 10.69 -9.25 45.23
N ILE A 492 10.57 -8.67 44.02
CA ILE A 492 10.10 -7.32 43.83
C ILE A 492 8.76 -7.03 44.44
N ALA A 493 7.75 -7.85 44.19
CA ALA A 493 6.42 -7.61 44.76
C ALA A 493 6.45 -7.69 46.28
N GLU A 494 7.23 -8.62 46.81
CA GLU A 494 7.35 -8.75 48.27
C GLU A 494 7.94 -7.48 48.86
N TRP A 495 8.98 -6.92 48.22
CA TRP A 495 9.60 -5.70 48.63
C TRP A 495 8.64 -4.52 48.66
N ALA A 496 7.64 -4.51 47.78
CA ALA A 496 6.66 -3.47 47.71
C ALA A 496 5.63 -3.56 48.84
N GLY A 497 5.56 -4.70 49.50
CA GLY A 497 4.65 -4.91 50.62
C GLY A 497 3.20 -4.74 50.29
N ILE A 498 2.72 -5.49 49.30
CA ILE A 498 1.29 -5.40 48.91
C ILE A 498 0.61 -6.71 49.29
N THR A 499 -0.34 -6.62 50.24
CA THR A 499 -0.93 -7.86 50.75
C THR A 499 -2.09 -8.34 49.93
N GLU A 500 -2.72 -7.46 49.16
CA GLU A 500 -3.89 -7.79 48.37
C GLU A 500 -3.56 -8.22 46.95
N GLY A 501 -4.37 -9.17 46.45
CA GLY A 501 -4.22 -9.64 45.09
C GLY A 501 -2.86 -10.27 44.82
N GLN A 502 -2.61 -10.50 43.53
CA GLN A 502 -1.39 -11.10 43.05
C GLN A 502 -0.77 -10.19 41.96
N PRO A 503 -0.20 -9.09 42.41
CA PRO A 503 0.36 -8.09 41.51
C PRO A 503 1.43 -8.69 40.62
N ARG A 504 1.44 -8.15 39.38
CA ARG A 504 2.41 -8.63 38.37
C ARG A 504 3.56 -7.62 38.29
N VAL A 505 4.78 -8.08 38.32
CA VAL A 505 5.94 -7.21 38.17
C VAL A 505 6.31 -7.14 36.67
N VAL A 506 6.49 -5.92 36.20
CA VAL A 506 6.73 -5.71 34.77
C VAL A 506 7.68 -4.57 34.48
N GLN A 507 8.58 -4.82 33.52
CA GLN A 507 9.42 -3.94 32.82
C GLN A 507 10.47 -3.17 33.59
N GLY A 508 11.70 -3.66 33.59
CA GLY A 508 12.82 -2.89 34.10
C GLY A 508 13.08 -1.66 33.24
N GLU A 509 13.44 -0.55 33.88
CA GLU A 509 13.87 0.66 33.19
C GLU A 509 14.94 1.34 34.07
N PHE A 510 16.07 1.69 33.50
CA PHE A 510 17.13 2.34 34.30
C PHE A 510 16.97 3.83 34.36
N ASN A 511 17.67 4.45 35.34
CA ASN A 511 17.86 5.88 35.38
C ASN A 511 18.94 6.32 34.40
N LYS A 512 19.15 7.60 34.26
CA LYS A 512 20.11 8.12 33.28
C LYS A 512 21.51 7.62 33.52
N ASP A 513 21.94 7.54 34.78
CA ASP A 513 23.27 7.08 35.10
C ASP A 513 23.45 5.58 35.03
N GLY A 514 22.36 4.81 34.93
CA GLY A 514 22.43 3.38 34.89
C GLY A 514 22.87 2.75 36.22
N THR A 515 22.47 3.39 37.31
CA THR A 515 22.81 2.91 38.65
C THR A 515 21.62 2.35 39.38
N GLU A 516 20.39 2.61 38.94
CA GLU A 516 19.18 2.15 39.56
C GLU A 516 18.20 1.66 38.48
N VAL A 517 17.47 0.63 38.80
CA VAL A 517 16.52 0.04 37.84
C VAL A 517 15.15 -0.04 38.47
N TRP A 518 14.14 0.47 37.81
CA TRP A 518 12.76 0.53 38.30
C TRP A 518 11.90 -0.58 37.73
N PHE A 519 11.00 -1.13 38.51
CA PHE A 519 10.03 -2.11 38.09
C PHE A 519 8.62 -1.69 38.53
N SER A 520 7.61 -1.97 37.74
CA SER A 520 6.24 -1.73 38.11
C SER A 520 5.66 -2.95 38.83
N VAL A 521 4.93 -2.68 39.91
CA VAL A 521 4.21 -3.71 40.66
C VAL A 521 2.71 -3.42 40.42
N TRP A 522 2.25 -4.02 39.34
CA TRP A 522 0.99 -3.72 38.68
C TRP A 522 -0.17 -4.51 39.24
N ASN A 523 -1.00 -3.81 40.01
CA ASN A 523 -2.22 -4.41 40.57
C ASN A 523 -3.43 -3.75 39.93
N GLY A 524 -4.62 -4.18 40.30
CA GLY A 524 -5.86 -3.66 39.74
C GLY A 524 -6.09 -2.19 40.03
N LYS A 525 -7.05 -1.60 39.32
CA LYS A 525 -7.40 -0.21 39.42
C LYS A 525 -7.83 0.22 40.82
N ASP A 526 -8.53 -0.64 41.53
CA ASP A 526 -9.01 -0.33 42.87
C ASP A 526 -8.15 -1.03 43.92
N GLN A 527 -6.98 -1.49 43.50
CA GLN A 527 -6.07 -2.18 44.37
C GLN A 527 -4.76 -1.39 44.52
N GLU A 528 -3.90 -1.88 45.39
CA GLU A 528 -2.65 -1.19 45.72
C GLU A 528 -1.51 -1.60 44.80
N SER A 529 -0.92 -0.60 44.14
CA SER A 529 0.24 -0.83 43.28
C SER A 529 1.45 -0.11 43.84
N ALA A 530 2.58 -0.24 43.16
CA ALA A 530 3.79 0.44 43.53
C ALA A 530 4.82 0.42 42.39
N LEU A 531 5.84 1.22 42.53
CA LEU A 531 7.06 1.08 41.74
C LEU A 531 8.18 0.68 42.72
N VAL A 532 9.03 -0.21 42.34
CA VAL A 532 10.17 -0.61 43.15
C VAL A 532 11.47 -0.22 42.46
N VAL A 533 12.32 0.49 43.17
CA VAL A 533 13.60 0.96 42.67
C VAL A 533 14.70 0.09 43.27
N VAL A 534 15.49 -0.55 42.45
CA VAL A 534 16.56 -1.43 42.86
C VAL A 534 17.91 -0.78 42.64
N ASP A 535 18.79 -0.87 43.64
CA ASP A 535 20.15 -0.38 43.49
C ASP A 535 20.93 -1.42 42.67
N ASP A 536 21.30 -1.04 41.44
CA ASP A 536 21.95 -1.98 40.55
C ASP A 536 23.26 -2.53 41.02
N LYS A 537 24.07 -1.75 41.75
CA LYS A 537 25.38 -2.24 42.16
C LYS A 537 25.29 -3.36 43.18
N THR A 538 24.33 -3.29 44.09
CA THR A 538 24.18 -4.26 45.14
C THR A 538 23.06 -5.25 44.98
N LEU A 539 22.07 -4.95 44.13
CA LEU A 539 20.89 -5.72 43.92
C LEU A 539 19.97 -5.72 45.15
N GLU A 540 20.08 -4.63 45.90
CA GLU A 540 19.24 -4.46 47.10
C GLU A 540 18.15 -3.45 46.85
N LEU A 541 17.09 -3.52 47.63
CA LEU A 541 15.99 -2.55 47.53
C LEU A 541 16.49 -1.13 47.82
N LYS A 542 16.20 -0.19 46.94
CA LYS A 542 16.56 1.21 47.11
C LYS A 542 15.37 2.02 47.62
N HIS A 543 14.21 1.84 47.00
CA HIS A 543 13.04 2.65 47.38
C HIS A 543 11.75 2.04 46.85
N VAL A 544 10.68 2.23 47.60
CA VAL A 544 9.34 1.86 47.21
C VAL A 544 8.49 3.09 46.98
N ILE A 545 7.95 3.22 45.76
CA ILE A 545 7.12 4.36 45.42
C ILE A 545 5.66 3.99 45.47
N LYS A 546 4.92 4.59 46.42
CA LYS A 546 3.52 4.44 46.58
C LYS A 546 2.85 5.81 46.72
N ASP A 547 1.74 5.97 46.07
CA ASP A 547 0.96 7.21 46.11
C ASP A 547 -0.46 6.88 45.68
N GLU A 548 -1.46 7.54 46.27
CA GLU A 548 -2.83 7.29 45.90
C GLU A 548 -3.07 7.52 44.40
N ARG A 549 -2.28 8.38 43.79
CA ARG A 549 -2.42 8.68 42.37
C ARG A 549 -1.77 7.62 41.49
N LEU A 550 -0.94 6.77 42.05
CA LEU A 550 -0.25 5.73 41.28
C LEU A 550 -1.14 4.53 41.04
N VAL A 551 -2.04 4.68 40.05
CA VAL A 551 -3.03 3.67 39.73
C VAL A 551 -2.56 2.83 38.53
N THR A 552 -2.51 1.55 38.67
CA THR A 552 -2.13 0.62 37.62
C THR A 552 -0.91 1.05 36.84
N PRO A 553 0.21 1.25 37.52
CA PRO A 553 1.46 1.64 36.86
C PRO A 553 1.95 0.51 35.98
N THR A 554 2.26 0.89 34.72
CA THR A 554 2.76 -0.13 33.79
C THR A 554 4.07 0.32 33.18
N GLY A 555 4.06 0.87 31.95
CA GLY A 555 5.30 1.27 31.32
C GLY A 555 5.96 2.44 32.03
N LYS A 556 7.26 2.43 32.09
CA LYS A 556 8.06 3.53 32.63
C LYS A 556 9.18 3.86 31.63
N PHE A 557 9.39 5.11 31.35
CA PHE A 557 10.42 5.49 30.37
C PHE A 557 11.25 6.66 30.87
N ASN A 558 12.53 6.38 31.09
CA ASN A 558 13.47 7.43 31.50
C ASN A 558 13.76 8.34 30.30
N VAL A 559 13.69 9.64 30.51
CA VAL A 559 13.85 10.58 29.38
C VAL A 559 15.12 10.34 28.61
N TYR A 560 16.27 10.31 29.26
CA TYR A 560 17.54 10.16 28.57
C TYR A 560 17.66 8.83 27.86
N ASN A 561 17.33 7.73 28.51
CA ASN A 561 17.45 6.40 27.91
C ASN A 561 16.50 6.20 26.76
N THR A 562 15.41 6.92 26.72
CA THR A 562 14.43 6.79 25.62
C THR A 562 14.84 7.69 24.47
N MET A 563 15.26 8.92 24.76
CA MET A 563 15.70 9.83 23.70
C MET A 563 16.89 9.28 22.94
N THR A 564 17.80 8.60 23.60
CA THR A 564 19.03 8.09 23.04
C THR A 564 19.01 6.64 22.63
N ASP A 565 17.91 5.91 22.85
CA ASP A 565 17.89 4.48 22.60
C ASP A 565 19.01 3.74 23.29
N THR A 566 19.13 4.00 24.63
CA THR A 566 20.15 3.31 25.42
C THR A 566 19.55 2.11 26.13
N TYR A 567 19.79 0.93 25.60
CA TYR A 567 19.31 -0.33 26.09
C TYR A 567 20.15 -1.50 25.59
N GLU B 26 -14.79 6.01 -19.96
CA GLU B 26 -14.58 5.14 -18.83
C GLU B 26 -14.55 3.67 -19.23
N PRO B 27 -13.84 2.86 -18.45
CA PRO B 27 -13.65 1.46 -18.73
C PRO B 27 -14.91 0.64 -18.62
N SER B 28 -14.87 -0.55 -19.22
CA SER B 28 -15.95 -1.52 -19.14
C SER B 28 -15.38 -2.84 -18.58
N LEU B 29 -15.79 -3.17 -17.35
CA LEU B 29 -15.29 -4.38 -16.72
C LEU B 29 -16.13 -5.59 -17.02
N ASP B 30 -16.09 -6.06 -18.26
CA ASP B 30 -16.87 -7.19 -18.73
C ASP B 30 -16.26 -8.53 -18.43
N ASN B 31 -15.16 -8.59 -17.69
CA ASN B 31 -14.53 -9.85 -17.31
C ASN B 31 -14.96 -10.29 -15.92
N LEU B 32 -15.28 -9.32 -15.05
CA LEU B 32 -15.75 -9.61 -13.71
C LEU B 32 -17.22 -10.04 -13.73
N ALA B 33 -17.91 -9.69 -14.80
CA ALA B 33 -19.31 -10.01 -15.00
C ALA B 33 -19.57 -11.50 -15.18
N GLN B 34 -18.60 -12.22 -15.73
CA GLN B 34 -18.75 -13.65 -15.96
C GLN B 34 -18.68 -14.46 -14.67
N GLN B 35 -18.12 -13.87 -13.62
CA GLN B 35 -18.08 -14.53 -12.33
C GLN B 35 -19.51 -14.66 -11.77
N ASP B 36 -19.87 -15.88 -11.39
CA ASP B 36 -21.21 -16.12 -10.83
C ASP B 36 -21.17 -15.99 -9.31
N VAL B 37 -22.00 -15.11 -8.76
CA VAL B 37 -22.02 -14.89 -7.32
C VAL B 37 -23.32 -15.34 -6.69
N ALA B 38 -23.32 -15.47 -5.36
CA ALA B 38 -24.52 -15.87 -4.62
C ALA B 38 -25.32 -14.64 -4.21
N ALA B 39 -26.62 -14.82 -4.03
CA ALA B 39 -27.49 -13.72 -3.60
C ALA B 39 -27.24 -13.40 -2.12
N PRO B 40 -26.88 -12.16 -1.84
CA PRO B 40 -26.64 -11.71 -0.49
C PRO B 40 -27.95 -11.59 0.29
N GLY B 41 -27.83 -11.32 1.58
CA GLY B 41 -29.03 -11.14 2.40
C GLY B 41 -29.54 -9.72 2.26
N ALA B 42 -30.77 -9.49 2.67
CA ALA B 42 -31.39 -8.17 2.63
C ALA B 42 -31.78 -7.77 4.05
N PRO B 43 -31.26 -6.64 4.49
CA PRO B 43 -31.53 -6.15 5.84
C PRO B 43 -32.97 -5.70 5.96
N GLU B 44 -33.39 -5.37 7.18
CA GLU B 44 -34.76 -4.92 7.41
C GLU B 44 -35.10 -3.70 6.58
N GLY B 45 -36.21 -3.77 5.85
CA GLY B 45 -36.69 -2.64 5.07
C GLY B 45 -36.26 -2.69 3.62
N VAL B 46 -35.73 -3.81 3.19
CA VAL B 46 -35.25 -4.00 1.81
C VAL B 46 -35.65 -5.39 1.33
N SER B 47 -36.03 -5.54 0.09
CA SER B 47 -36.29 -6.88 -0.43
C SER B 47 -34.96 -7.52 -0.90
N ALA B 48 -34.96 -8.82 -0.81
CA ALA B 48 -33.88 -9.64 -1.32
C ALA B 48 -34.23 -10.01 -2.78
N LEU B 49 -33.19 -10.24 -3.54
CA LEU B 49 -33.35 -10.74 -4.92
C LEU B 49 -32.99 -12.23 -4.90
N SER B 50 -33.60 -13.01 -5.78
CA SER B 50 -33.25 -14.44 -5.84
C SER B 50 -31.81 -14.59 -6.36
N ASP B 51 -31.31 -15.81 -6.33
CA ASP B 51 -29.99 -16.09 -6.88
C ASP B 51 -29.92 -15.67 -8.35
N ALA B 52 -30.87 -16.13 -9.15
CA ALA B 52 -30.91 -15.81 -10.57
C ALA B 52 -31.02 -14.33 -10.84
N GLN B 53 -31.95 -13.65 -10.16
CA GLN B 53 -32.12 -12.21 -10.34
C GLN B 53 -30.84 -11.46 -9.98
N TYR B 54 -30.25 -11.83 -8.83
CA TYR B 54 -29.05 -11.16 -8.36
C TYR B 54 -27.89 -11.38 -9.33
N ASN B 55 -27.73 -12.59 -9.81
CA ASN B 55 -26.66 -12.89 -10.78
C ASN B 55 -26.85 -12.12 -12.07
N GLU B 56 -28.10 -12.03 -12.53
CA GLU B 56 -28.39 -11.26 -13.74
C GLU B 56 -28.06 -9.80 -13.54
N ALA B 57 -28.35 -9.28 -12.34
CA ALA B 57 -28.07 -7.90 -11.99
C ALA B 57 -26.56 -7.67 -11.83
N ASN B 58 -25.88 -8.66 -11.27
CA ASN B 58 -24.44 -8.59 -11.01
C ASN B 58 -23.68 -8.48 -12.32
N LYS B 59 -24.06 -9.31 -13.28
CA LYS B 59 -23.44 -9.29 -14.61
C LYS B 59 -23.61 -7.94 -15.27
N ILE B 60 -24.85 -7.40 -15.21
CA ILE B 60 -25.11 -6.08 -15.75
C ILE B 60 -24.26 -5.05 -15.02
N TYR B 61 -24.19 -5.16 -13.67
CA TYR B 61 -23.43 -4.19 -12.93
C TYR B 61 -22.00 -4.10 -13.41
N PHE B 62 -21.34 -5.22 -13.63
CA PHE B 62 -19.93 -5.21 -14.03
C PHE B 62 -19.74 -4.87 -15.49
N GLU B 63 -20.63 -5.35 -16.36
CA GLU B 63 -20.54 -5.11 -17.78
C GLU B 63 -20.81 -3.67 -18.17
N ARG B 64 -21.79 -3.03 -17.51
CA ARG B 64 -22.21 -1.71 -17.87
C ARG B 64 -22.06 -0.61 -16.87
N CYS B 65 -21.85 -0.90 -15.59
CA CYS B 65 -21.87 0.13 -14.57
C CYS B 65 -20.58 0.39 -13.83
N ALA B 66 -19.79 -0.64 -13.58
CA ALA B 66 -18.61 -0.53 -12.71
C ALA B 66 -17.54 0.38 -13.24
N GLY B 67 -17.45 0.57 -14.55
CA GLY B 67 -16.44 1.49 -15.11
C GLY B 67 -16.51 2.84 -14.43
N CYS B 68 -17.70 3.44 -14.40
CA CYS B 68 -17.90 4.74 -13.82
C CYS B 68 -18.14 4.71 -12.32
N HIS B 69 -18.83 3.67 -11.84
CA HIS B 69 -19.20 3.60 -10.45
C HIS B 69 -18.24 2.81 -9.57
N GLY B 70 -17.32 2.08 -10.17
CA GLY B 70 -16.36 1.31 -9.41
C GLY B 70 -16.84 -0.10 -9.14
N VAL B 71 -15.91 -1.05 -9.12
CA VAL B 71 -16.20 -2.44 -8.81
C VAL B 71 -16.85 -2.54 -7.43
N LEU B 72 -16.31 -1.77 -6.49
CA LEU B 72 -16.80 -1.76 -5.12
C LEU B 72 -17.89 -0.76 -4.87
N ARG B 73 -18.37 -0.09 -5.90
CA ARG B 73 -19.39 0.90 -5.86
C ARG B 73 -19.03 2.12 -5.03
N LYS B 74 -17.73 2.39 -4.87
CA LYS B 74 -17.25 3.54 -4.13
C LYS B 74 -17.25 4.82 -4.97
N GLY B 75 -17.42 4.68 -6.27
CA GLY B 75 -17.47 5.78 -7.17
C GLY B 75 -16.12 6.13 -7.80
N ALA B 76 -16.15 6.36 -9.11
CA ALA B 76 -14.95 6.76 -9.84
C ALA B 76 -15.29 8.09 -10.54
N THR B 77 -15.88 7.98 -11.74
CA THR B 77 -16.41 9.15 -12.43
C THR B 77 -17.88 9.35 -12.02
N GLY B 78 -18.53 8.24 -11.70
CA GLY B 78 -19.93 8.27 -11.25
C GLY B 78 -19.96 8.25 -9.72
N LYS B 79 -21.03 8.76 -9.13
CA LYS B 79 -21.15 8.82 -7.69
C LYS B 79 -21.10 7.44 -7.05
N ALA B 80 -20.83 7.42 -5.75
CA ALA B 80 -20.80 6.18 -4.99
C ALA B 80 -22.21 5.57 -4.90
N LEU B 81 -22.28 4.26 -5.00
CA LEU B 81 -23.54 3.54 -4.98
C LEU B 81 -23.56 2.48 -3.88
N THR B 82 -22.85 2.77 -2.78
CA THR B 82 -22.85 1.86 -1.64
C THR B 82 -24.19 1.90 -0.92
N PRO B 83 -24.54 0.82 -0.26
CA PRO B 83 -25.82 0.64 0.40
C PRO B 83 -26.19 1.72 1.37
N ASP B 84 -25.25 2.27 2.13
CA ASP B 84 -25.54 3.37 3.04
C ASP B 84 -26.11 4.57 2.33
N LEU B 85 -25.63 4.85 1.12
CA LEU B 85 -26.10 5.98 0.34
C LEU B 85 -27.36 5.67 -0.45
N THR B 86 -27.43 4.47 -1.03
CA THR B 86 -28.55 4.12 -1.88
C THR B 86 -29.84 3.94 -1.11
N ARG B 87 -29.75 3.42 0.11
CA ARG B 87 -30.95 3.21 0.93
C ARG B 87 -31.56 4.53 1.36
N ASP B 88 -30.74 5.56 1.58
CA ASP B 88 -31.26 6.88 1.90
C ASP B 88 -32.01 7.47 0.71
N LEU B 89 -31.49 7.23 -0.49
CA LEU B 89 -32.14 7.71 -1.71
C LEU B 89 -33.44 6.96 -1.95
N GLY B 90 -33.43 5.65 -1.76
CA GLY B 90 -34.62 4.84 -1.92
C GLY B 90 -34.79 4.24 -3.31
N PHE B 91 -35.58 3.18 -3.39
CA PHE B 91 -35.86 2.49 -4.62
C PHE B 91 -36.37 3.37 -5.74
N ASP B 92 -37.41 4.17 -5.48
CA ASP B 92 -38.00 5.00 -6.52
C ASP B 92 -36.97 5.91 -7.18
N TYR B 93 -36.13 6.55 -6.36
CA TYR B 93 -35.10 7.44 -6.85
C TYR B 93 -34.11 6.69 -7.74
N LEU B 94 -33.70 5.51 -7.30
CA LEU B 94 -32.76 4.68 -8.05
C LEU B 94 -33.38 4.23 -9.37
N GLN B 95 -34.63 3.78 -9.31
CA GLN B 95 -35.34 3.34 -10.50
C GLN B 95 -35.44 4.46 -11.53
N SER B 96 -35.81 5.64 -11.07
CA SER B 96 -35.96 6.81 -11.91
C SER B 96 -34.65 7.24 -12.53
N PHE B 97 -33.59 7.32 -11.70
CA PHE B 97 -32.29 7.75 -12.24
C PHE B 97 -31.76 6.79 -13.27
N ILE B 98 -31.93 5.49 -13.05
CA ILE B 98 -31.48 4.48 -13.99
C ILE B 98 -32.32 4.50 -15.27
N THR B 99 -33.61 4.82 -15.12
CA THR B 99 -34.50 4.85 -16.28
C THR B 99 -34.21 6.04 -17.17
N TYR B 100 -34.22 7.22 -16.59
CA TYR B 100 -34.12 8.47 -17.32
C TYR B 100 -32.74 9.07 -17.36
N GLY B 101 -31.88 8.73 -16.41
CA GLY B 101 -30.53 9.28 -16.37
C GLY B 101 -30.55 10.77 -16.05
N SER B 102 -29.46 11.44 -16.47
CA SER B 102 -29.34 12.89 -16.20
C SER B 102 -28.32 13.44 -17.18
N PRO B 103 -28.29 14.76 -17.38
CA PRO B 103 -27.40 15.40 -18.30
C PRO B 103 -25.94 15.36 -17.90
N ALA B 104 -25.63 15.02 -16.65
CA ALA B 104 -24.27 14.98 -16.16
C ALA B 104 -23.58 13.65 -16.28
N GLY B 105 -23.64 12.99 -17.43
CA GLY B 105 -22.93 11.80 -17.72
C GLY B 105 -23.50 10.48 -17.33
N MET B 106 -24.75 10.40 -16.90
CA MET B 106 -25.36 9.12 -16.53
C MET B 106 -26.39 8.72 -17.57
N PRO B 107 -26.12 7.65 -18.30
CA PRO B 107 -26.96 7.19 -19.38
C PRO B 107 -28.38 6.89 -18.97
N ASN B 108 -29.30 7.07 -19.92
CA ASN B 108 -30.72 6.76 -19.71
C ASN B 108 -30.99 5.33 -20.13
N TRP B 109 -30.64 4.38 -19.23
CA TRP B 109 -30.71 2.98 -19.53
C TRP B 109 -32.09 2.49 -19.94
N GLY B 110 -33.13 3.00 -19.30
CA GLY B 110 -34.49 2.56 -19.55
C GLY B 110 -35.08 3.12 -20.83
N THR B 111 -35.08 4.44 -20.98
CA THR B 111 -35.69 5.09 -22.13
C THR B 111 -34.92 4.91 -23.41
N SER B 112 -33.66 4.50 -23.35
CA SER B 112 -32.88 4.25 -24.55
C SER B 112 -33.13 2.82 -25.04
N GLY B 113 -33.64 1.98 -24.13
CA GLY B 113 -33.92 0.59 -24.43
C GLY B 113 -32.76 -0.33 -24.12
N GLU B 114 -31.63 0.23 -23.68
CA GLU B 114 -30.44 -0.57 -23.39
C GLU B 114 -30.76 -1.63 -22.33
N LEU B 115 -31.52 -1.21 -21.31
CA LEU B 115 -31.96 -2.13 -20.27
C LEU B 115 -33.51 -2.21 -20.35
N SER B 116 -34.03 -3.41 -20.24
CA SER B 116 -35.49 -3.57 -20.21
C SER B 116 -36.03 -2.97 -18.91
N ALA B 117 -37.35 -2.82 -18.83
CA ALA B 117 -37.95 -2.29 -17.60
C ALA B 117 -37.65 -3.22 -16.43
N GLU B 118 -37.67 -4.52 -16.65
CA GLU B 118 -37.40 -5.49 -15.62
C GLU B 118 -35.95 -5.43 -15.15
N GLN B 119 -35.02 -5.22 -16.08
CA GLN B 119 -33.60 -5.10 -15.75
C GLN B 119 -33.32 -3.82 -14.98
N VAL B 120 -34.01 -2.73 -15.30
CA VAL B 120 -33.87 -1.50 -14.54
C VAL B 120 -34.23 -1.74 -13.07
N ASP B 121 -35.37 -2.39 -12.84
CA ASP B 121 -35.78 -2.68 -11.46
C ASP B 121 -34.78 -3.59 -10.76
N LEU B 122 -34.26 -4.58 -11.48
CA LEU B 122 -33.24 -5.46 -10.93
C LEU B 122 -32.03 -4.65 -10.44
N MET B 123 -31.61 -3.68 -11.24
CA MET B 123 -30.45 -2.87 -10.88
C MET B 123 -30.74 -1.97 -9.68
N ALA B 124 -31.95 -1.41 -9.62
CA ALA B 124 -32.30 -0.57 -8.47
C ALA B 124 -32.28 -1.41 -7.19
N ASN B 125 -32.85 -2.59 -7.25
CA ASN B 125 -32.87 -3.51 -6.12
C ASN B 125 -31.46 -3.98 -5.76
N TYR B 126 -30.66 -4.28 -6.79
CA TYR B 126 -29.27 -4.69 -6.58
C TYR B 126 -28.47 -3.65 -5.84
N LEU B 127 -28.69 -2.37 -6.11
CA LEU B 127 -27.94 -1.29 -5.51
C LEU B 127 -28.27 -1.07 -4.04
N LEU B 128 -29.41 -1.60 -3.59
CA LEU B 128 -29.82 -1.49 -2.20
C LEU B 128 -29.23 -2.59 -1.33
N LEU B 129 -28.64 -3.58 -1.95
CA LEU B 129 -28.07 -4.73 -1.28
C LEU B 129 -26.57 -4.60 -1.09
N ASP B 130 -26.03 -5.33 -0.11
CA ASP B 130 -24.59 -5.28 0.18
C ASP B 130 -23.85 -6.25 -0.75
N PRO B 131 -22.94 -5.73 -1.54
CA PRO B 131 -22.21 -6.51 -2.51
C PRO B 131 -21.25 -7.52 -1.93
N ALA B 132 -21.19 -8.71 -2.54
CA ALA B 132 -20.21 -9.72 -2.19
C ALA B 132 -18.83 -9.28 -2.70
N ALA B 133 -17.87 -9.21 -1.79
CA ALA B 133 -16.52 -8.79 -2.12
C ALA B 133 -15.99 -9.43 -3.39
N PRO B 134 -15.40 -8.62 -4.25
CA PRO B 134 -14.81 -9.10 -5.50
C PRO B 134 -13.60 -9.97 -5.21
N PRO B 135 -13.37 -10.98 -6.04
CA PRO B 135 -12.27 -11.88 -5.89
C PRO B 135 -10.91 -11.20 -6.00
N GLU B 136 -10.00 -11.56 -5.10
CA GLU B 136 -8.61 -11.10 -5.21
C GLU B 136 -7.91 -11.98 -6.23
N PHE B 137 -6.69 -11.64 -6.60
CA PHE B 137 -5.93 -12.43 -7.58
C PHE B 137 -4.45 -12.33 -7.23
N GLY B 138 -4.02 -13.23 -6.33
CA GLY B 138 -2.69 -13.23 -5.81
C GLY B 138 -1.76 -14.21 -6.47
N MET B 139 -0.67 -14.51 -5.81
CA MET B 139 0.40 -15.33 -6.36
C MET B 139 -0.05 -16.73 -6.70
N LYS B 140 -0.87 -17.33 -5.82
CA LYS B 140 -1.33 -18.70 -6.08
C LYS B 140 -2.14 -18.75 -7.38
N GLU B 141 -3.00 -17.78 -7.57
CA GLU B 141 -3.87 -17.69 -8.73
C GLU B 141 -3.05 -17.40 -10.00
N MET B 142 -2.07 -16.53 -9.86
CA MET B 142 -1.19 -16.22 -11.00
C MET B 142 -0.39 -17.44 -11.40
N ARG B 143 0.20 -18.14 -10.40
CA ARG B 143 1.00 -19.31 -10.71
C ARG B 143 0.18 -20.43 -11.33
N GLU B 144 -1.08 -20.54 -10.96
CA GLU B 144 -1.96 -21.56 -11.53
C GLU B 144 -2.24 -21.28 -13.00
N SER B 145 -2.26 -20.01 -13.39
CA SER B 145 -2.53 -19.61 -14.76
C SER B 145 -1.26 -19.55 -15.60
N TRP B 146 -0.12 -19.66 -14.98
CA TRP B 146 1.17 -19.52 -15.61
C TRP B 146 1.59 -20.74 -16.40
N LYS B 147 1.82 -20.55 -17.71
CA LYS B 147 2.22 -21.62 -18.59
C LYS B 147 3.45 -21.23 -19.42
N VAL B 148 4.48 -22.05 -19.39
CA VAL B 148 5.67 -21.82 -20.22
C VAL B 148 5.65 -22.86 -21.35
N HIS B 149 5.27 -22.41 -22.54
CA HIS B 149 5.16 -23.33 -23.68
C HIS B 149 6.50 -23.74 -24.22
N VAL B 150 7.45 -22.81 -24.32
CA VAL B 150 8.79 -23.11 -24.74
C VAL B 150 9.80 -22.53 -23.73
N ALA B 151 10.41 -23.42 -22.96
CA ALA B 151 11.42 -22.97 -21.98
C ALA B 151 12.53 -22.22 -22.69
N PRO B 152 13.13 -21.24 -22.03
CA PRO B 152 14.19 -20.44 -22.60
C PRO B 152 15.30 -21.25 -23.24
N GLU B 153 15.71 -22.34 -22.61
CA GLU B 153 16.75 -23.20 -23.10
C GLU B 153 16.41 -23.79 -24.48
N ASP B 154 15.14 -24.02 -24.74
CA ASP B 154 14.67 -24.65 -25.95
C ASP B 154 14.35 -23.66 -27.07
N ARG B 155 14.50 -22.37 -26.82
CA ARG B 155 14.22 -21.37 -27.84
C ARG B 155 15.45 -21.13 -28.70
N PRO B 156 15.25 -20.47 -29.85
CA PRO B 156 16.34 -20.13 -30.74
C PRO B 156 17.40 -19.29 -30.06
N THR B 157 18.63 -19.35 -30.57
CA THR B 157 19.73 -18.56 -30.05
C THR B 157 20.04 -17.39 -30.98
N GLN B 158 19.33 -17.38 -32.10
CA GLN B 158 19.42 -16.30 -33.09
C GLN B 158 18.12 -16.30 -33.91
N GLN B 159 17.86 -15.19 -34.60
CA GLN B 159 16.61 -15.08 -35.37
C GLN B 159 16.54 -16.18 -36.42
N GLU B 160 15.47 -16.95 -36.42
CA GLU B 160 15.31 -18.08 -37.33
C GLU B 160 14.23 -17.85 -38.37
N ASN B 161 13.92 -16.58 -38.61
CA ASN B 161 13.01 -16.22 -39.71
C ASN B 161 13.72 -15.16 -40.54
N ASP B 162 13.17 -14.83 -41.69
CA ASP B 162 13.82 -13.82 -42.54
C ASP B 162 13.13 -12.48 -42.44
N TRP B 163 12.28 -12.32 -41.42
CA TRP B 163 11.51 -11.10 -41.25
C TRP B 163 12.40 -9.91 -40.88
N ASP B 164 11.95 -8.71 -41.27
CA ASP B 164 12.64 -7.49 -40.76
C ASP B 164 11.86 -7.11 -39.48
N LEU B 165 12.30 -7.67 -38.37
CA LEU B 165 11.59 -7.51 -37.10
C LEU B 165 11.45 -6.08 -36.63
N GLU B 166 12.46 -5.25 -36.78
CA GLU B 166 12.39 -3.86 -36.35
C GLU B 166 11.36 -3.04 -37.10
N ASN B 167 10.98 -3.48 -38.32
CA ASN B 167 9.98 -2.75 -39.09
C ASN B 167 8.63 -3.45 -39.07
N LEU B 168 8.46 -4.42 -38.16
CA LEU B 168 7.22 -5.15 -38.02
C LEU B 168 6.21 -4.38 -37.17
N PHE B 169 4.94 -4.48 -37.50
CA PHE B 169 3.87 -3.84 -36.75
C PHE B 169 3.03 -4.90 -36.04
N SER B 170 2.78 -4.71 -34.74
CA SER B 170 1.88 -5.57 -33.98
C SER B 170 0.53 -4.90 -33.82
N VAL B 171 -0.50 -5.41 -34.49
CA VAL B 171 -1.79 -4.78 -34.58
C VAL B 171 -2.89 -5.53 -33.86
N THR B 172 -3.57 -4.85 -32.91
CA THR B 172 -4.66 -5.44 -32.20
C THR B 172 -5.87 -5.67 -33.11
N LEU B 173 -6.38 -6.88 -33.08
CA LEU B 173 -7.69 -7.19 -33.71
C LEU B 173 -8.65 -7.42 -32.52
N ARG B 174 -9.08 -6.33 -31.94
CA ARG B 174 -9.77 -6.22 -30.71
C ARG B 174 -10.78 -7.30 -30.38
N ASP B 175 -11.89 -7.35 -31.08
CA ASP B 175 -13.00 -8.23 -30.81
C ASP B 175 -12.73 -9.69 -31.17
N ALA B 176 -11.65 -9.95 -31.89
CA ALA B 176 -11.29 -11.30 -32.28
C ALA B 176 -10.31 -11.94 -31.30
N GLY B 177 -9.86 -11.15 -30.31
CA GLY B 177 -8.92 -11.67 -29.32
C GLY B 177 -7.64 -12.17 -29.97
N GLN B 178 -7.15 -11.38 -30.95
CA GLN B 178 -5.96 -11.72 -31.70
C GLN B 178 -5.11 -10.47 -31.95
N ILE B 179 -3.92 -10.66 -32.48
CA ILE B 179 -3.07 -9.60 -32.98
C ILE B 179 -2.56 -10.02 -34.38
N ALA B 180 -2.21 -9.04 -35.19
CA ALA B 180 -1.67 -9.35 -36.52
C ALA B 180 -0.25 -8.81 -36.65
N LEU B 181 0.69 -9.65 -36.97
CA LEU B 181 2.07 -9.20 -37.21
C LEU B 181 2.18 -8.86 -38.72
N ILE B 182 2.37 -7.60 -38.97
CA ILE B 182 2.32 -7.09 -40.36
C ILE B 182 3.65 -6.48 -40.75
N ASP B 183 4.16 -6.87 -41.93
CA ASP B 183 5.41 -6.36 -42.46
C ASP B 183 5.31 -4.87 -42.78
N GLY B 184 6.24 -4.08 -42.25
CA GLY B 184 6.26 -2.67 -42.36
C GLY B 184 6.56 -2.15 -43.77
N ALA B 185 7.12 -3.00 -44.62
CA ALA B 185 7.46 -2.53 -45.99
C ALA B 185 6.57 -3.13 -47.05
N THR B 186 6.20 -4.40 -46.91
CA THR B 186 5.35 -5.06 -47.90
C THR B 186 3.89 -5.02 -47.54
N TYR B 187 3.58 -4.71 -46.26
CA TYR B 187 2.24 -4.66 -45.75
C TYR B 187 1.56 -6.01 -45.70
N GLU B 188 2.39 -7.06 -45.72
CA GLU B 188 1.90 -8.42 -45.69
C GLU B 188 1.55 -8.83 -44.24
N ILE B 189 0.36 -9.37 -44.09
CA ILE B 189 0.02 -9.95 -42.76
C ILE B 189 0.82 -11.23 -42.61
N LYS B 190 1.88 -11.21 -41.83
CA LYS B 190 2.79 -12.33 -41.67
C LYS B 190 2.17 -13.47 -40.88
N SER B 191 1.39 -13.09 -39.87
CA SER B 191 0.74 -14.07 -39.00
C SER B 191 -0.34 -13.44 -38.16
N VAL B 192 -1.38 -14.19 -37.87
CA VAL B 192 -2.44 -13.76 -36.97
C VAL B 192 -2.42 -14.71 -35.76
N LEU B 193 -2.11 -14.15 -34.60
CA LEU B 193 -1.95 -14.92 -33.38
C LEU B 193 -3.11 -14.69 -32.42
N ASP B 194 -3.53 -15.76 -31.75
CA ASP B 194 -4.61 -15.71 -30.77
C ASP B 194 -4.05 -15.37 -29.39
N THR B 195 -4.67 -14.40 -28.75
CA THR B 195 -4.17 -13.85 -27.47
C THR B 195 -5.35 -13.69 -26.51
N GLY B 196 -5.17 -12.85 -25.50
CA GLY B 196 -6.30 -12.55 -24.59
C GLY B 196 -7.29 -11.67 -25.34
N TYR B 197 -8.51 -11.59 -24.84
CA TYR B 197 -9.56 -10.80 -25.47
C TYR B 197 -9.24 -9.32 -25.43
N ALA B 198 -9.50 -8.63 -26.54
CA ALA B 198 -9.33 -7.21 -26.66
C ALA B 198 -7.99 -6.71 -26.12
N VAL B 199 -6.92 -7.27 -26.67
CA VAL B 199 -5.57 -6.78 -26.33
C VAL B 199 -5.59 -5.27 -26.33
N HIS B 200 -5.07 -4.64 -25.27
CA HIS B 200 -5.12 -3.19 -25.20
C HIS B 200 -3.89 -2.55 -25.82
N ILE B 201 -2.72 -3.12 -25.53
CA ILE B 201 -1.48 -2.64 -26.11
C ILE B 201 -0.50 -3.80 -26.31
N SER B 202 0.43 -3.57 -27.24
CA SER B 202 1.58 -4.38 -27.47
C SER B 202 2.83 -3.60 -27.01
N ARG B 203 3.74 -4.30 -26.36
CA ARG B 203 5.00 -3.74 -25.93
C ARG B 203 6.14 -4.69 -26.26
N LEU B 204 7.32 -4.15 -26.54
CA LEU B 204 8.49 -4.92 -26.91
C LEU B 204 9.56 -4.89 -25.85
N SER B 205 10.26 -6.00 -25.66
CA SER B 205 11.45 -5.99 -24.79
C SER B 205 12.49 -5.04 -25.37
N ALA B 206 13.48 -4.66 -24.57
CA ALA B 206 14.48 -3.70 -24.98
C ALA B 206 15.38 -4.22 -26.09
N SER B 207 15.48 -5.52 -26.24
CA SER B 207 16.32 -6.09 -27.31
C SER B 207 15.52 -6.22 -28.60
N GLY B 208 14.20 -6.10 -28.51
CA GLY B 208 13.32 -6.23 -29.65
C GLY B 208 12.97 -7.66 -29.99
N ARG B 209 13.37 -8.61 -29.16
CA ARG B 209 13.10 -10.02 -29.40
C ARG B 209 11.71 -10.45 -28.98
N TYR B 210 11.29 -10.00 -27.79
CA TYR B 210 10.07 -10.44 -27.17
C TYR B 210 8.92 -9.44 -27.23
N LEU B 211 7.79 -9.91 -27.71
CA LEU B 211 6.57 -9.16 -27.86
C LEU B 211 5.59 -9.55 -26.76
N PHE B 212 5.22 -8.56 -25.94
CA PHE B 212 4.28 -8.75 -24.87
C PHE B 212 2.95 -8.10 -25.19
N VAL B 213 1.85 -8.78 -24.98
CA VAL B 213 0.53 -8.24 -25.13
C VAL B 213 -0.31 -8.50 -23.88
N ILE B 214 -1.21 -7.59 -23.58
CA ILE B 214 -2.10 -7.75 -22.43
C ILE B 214 -3.55 -7.53 -22.85
N GLY B 215 -4.39 -8.51 -22.55
CA GLY B 215 -5.81 -8.43 -22.84
C GLY B 215 -6.54 -7.64 -21.77
N ARG B 216 -7.75 -7.20 -22.05
CA ARG B 216 -8.55 -6.48 -21.07
C ARG B 216 -8.88 -7.39 -19.88
N ASP B 217 -8.84 -8.68 -20.09
CA ASP B 217 -9.12 -9.69 -19.12
C ASP B 217 -7.99 -10.00 -18.16
N GLY B 218 -6.85 -9.34 -18.31
CA GLY B 218 -5.71 -9.60 -17.42
C GLY B 218 -4.78 -10.66 -17.94
N LYS B 219 -5.07 -11.15 -19.17
CA LYS B 219 -4.27 -12.17 -19.80
C LYS B 219 -3.05 -11.61 -20.52
N VAL B 220 -1.87 -12.06 -20.15
CA VAL B 220 -0.63 -11.66 -20.77
C VAL B 220 -0.04 -12.81 -21.61
N ASN B 221 0.29 -12.49 -22.87
CA ASN B 221 0.98 -13.41 -23.74
C ASN B 221 2.38 -12.83 -24.06
N MET B 222 3.37 -13.67 -24.09
CA MET B 222 4.73 -13.32 -24.47
C MET B 222 5.08 -14.12 -25.75
N ILE B 223 5.52 -13.41 -26.76
CA ILE B 223 5.79 -14.05 -28.07
C ILE B 223 7.24 -13.87 -28.47
N ASP B 224 7.85 -14.98 -28.94
CA ASP B 224 9.25 -14.96 -29.35
C ASP B 224 9.37 -14.70 -30.85
N LEU B 225 9.81 -13.51 -31.20
CA LEU B 225 9.91 -13.11 -32.62
C LEU B 225 11.07 -13.75 -33.33
N TRP B 226 11.93 -14.49 -32.66
CA TRP B 226 13.06 -15.16 -33.30
C TRP B 226 12.70 -16.53 -33.83
N MET B 227 11.52 -17.04 -33.49
CA MET B 227 11.09 -18.34 -33.97
C MET B 227 10.82 -18.31 -35.48
N LYS B 228 11.01 -19.48 -36.10
CA LYS B 228 10.64 -19.67 -37.51
C LYS B 228 9.21 -19.19 -37.73
N GLU B 229 8.30 -19.59 -36.86
CA GLU B 229 6.91 -19.18 -36.88
C GLU B 229 6.55 -18.63 -35.48
N PRO B 230 6.79 -17.36 -35.28
CA PRO B 230 6.59 -16.76 -33.95
C PRO B 230 5.27 -17.09 -33.33
N THR B 231 5.28 -17.47 -32.04
CA THR B 231 4.06 -17.75 -31.32
C THR B 231 4.27 -17.49 -29.80
N THR B 232 3.23 -17.71 -29.06
CA THR B 232 3.29 -17.51 -27.59
C THR B 232 4.17 -18.56 -26.93
N VAL B 233 5.20 -18.13 -26.22
CA VAL B 233 6.12 -18.99 -25.55
C VAL B 233 5.79 -19.08 -24.04
N ALA B 234 5.02 -18.10 -23.58
CA ALA B 234 4.60 -18.09 -22.16
C ALA B 234 3.38 -17.22 -22.01
N GLU B 235 2.54 -17.56 -21.02
CA GLU B 235 1.35 -16.81 -20.74
C GLU B 235 1.02 -16.84 -19.22
N ILE B 236 0.32 -15.82 -18.80
CA ILE B 236 -0.10 -15.73 -17.38
C ILE B 236 -1.25 -14.77 -17.26
N LYS B 237 -2.06 -14.90 -16.21
CA LYS B 237 -3.16 -13.97 -15.94
C LYS B 237 -2.80 -13.20 -14.64
N ILE B 238 -2.95 -11.90 -14.68
CA ILE B 238 -2.44 -11.05 -13.58
C ILE B 238 -3.53 -10.35 -12.83
N GLY B 239 -4.78 -10.52 -13.23
CA GLY B 239 -5.92 -9.88 -12.61
C GLY B 239 -7.21 -10.17 -13.39
N SER B 240 -8.28 -9.51 -13.03
CA SER B 240 -9.57 -9.67 -13.71
C SER B 240 -9.73 -8.65 -14.82
N GLU B 241 -9.22 -7.46 -14.62
CA GLU B 241 -9.33 -6.35 -15.56
C GLU B 241 -7.98 -5.61 -15.62
N ALA B 242 -7.42 -5.50 -16.81
CA ALA B 242 -6.08 -4.89 -16.94
C ALA B 242 -5.96 -4.14 -18.25
N ARG B 243 -5.07 -3.14 -18.30
CA ARG B 243 -4.89 -2.35 -19.51
C ARG B 243 -3.44 -2.08 -19.82
N SER B 244 -2.49 -2.33 -18.93
CA SER B 244 -1.11 -1.92 -19.16
C SER B 244 -0.07 -2.96 -18.90
N ILE B 245 1.00 -2.91 -19.69
CA ILE B 245 2.15 -3.77 -19.64
C ILE B 245 3.37 -2.99 -20.17
N GLU B 246 4.53 -3.26 -19.64
CA GLU B 246 5.76 -2.58 -20.07
C GLU B 246 6.96 -3.47 -19.78
N THR B 247 8.07 -3.20 -20.44
CA THR B 247 9.30 -3.96 -20.27
C THR B 247 10.45 -3.14 -19.73
N SER B 248 11.45 -3.78 -19.14
CA SER B 248 12.56 -3.05 -18.52
C SER B 248 13.41 -2.37 -19.58
N LYS B 249 13.63 -1.06 -19.47
CA LYS B 249 14.37 -0.33 -20.49
C LYS B 249 15.59 0.39 -20.02
N MET B 250 16.04 0.16 -18.79
CA MET B 250 17.31 0.72 -18.32
C MET B 250 18.47 -0.07 -18.94
N GLU B 251 19.45 0.65 -19.48
CA GLU B 251 20.64 -0.05 -20.05
C GLU B 251 21.19 -1.03 -19.02
N GLY B 252 21.51 -2.22 -19.46
CA GLY B 252 22.00 -3.30 -18.62
C GLY B 252 20.91 -4.22 -18.13
N TRP B 253 19.65 -3.84 -18.28
CA TRP B 253 18.52 -4.61 -17.79
C TRP B 253 17.61 -5.10 -18.90
N GLU B 254 18.15 -5.16 -20.13
CA GLU B 254 17.38 -5.63 -21.27
C GLU B 254 16.87 -7.03 -21.05
N ASP B 255 15.60 -7.28 -21.33
CA ASP B 255 14.94 -8.53 -21.21
C ASP B 255 14.81 -9.09 -19.82
N LYS B 256 15.16 -8.30 -18.80
CA LYS B 256 15.15 -8.82 -17.42
C LYS B 256 13.77 -8.94 -16.83
N TYR B 257 12.91 -7.94 -17.01
CA TYR B 257 11.60 -7.92 -16.44
C TYR B 257 10.52 -7.37 -17.36
N ALA B 258 9.29 -7.76 -17.04
CA ALA B 258 8.09 -7.17 -17.62
C ALA B 258 7.20 -6.78 -16.41
N ILE B 259 6.34 -5.85 -16.58
CA ILE B 259 5.43 -5.43 -15.51
C ILE B 259 4.03 -5.25 -16.08
N ALA B 260 3.02 -5.70 -15.35
CA ALA B 260 1.64 -5.51 -15.80
C ALA B 260 0.84 -4.78 -14.70
N GLY B 261 -0.09 -3.98 -15.10
CA GLY B 261 -0.94 -3.23 -14.19
C GLY B 261 -2.39 -3.60 -14.35
N ALA B 262 -3.12 -3.69 -13.23
CA ALA B 262 -4.51 -4.06 -13.24
C ALA B 262 -5.44 -3.00 -12.68
N TYR B 263 -6.63 -2.93 -13.26
CA TYR B 263 -7.75 -2.14 -12.74
C TYR B 263 -8.36 -2.90 -11.55
N TRP B 264 -8.50 -4.20 -11.69
CA TRP B 264 -8.96 -5.06 -10.62
C TRP B 264 -8.28 -6.41 -10.63
N PRO B 265 -7.73 -6.87 -9.52
CA PRO B 265 -7.65 -6.05 -8.31
C PRO B 265 -6.70 -4.88 -8.56
N PRO B 266 -6.69 -3.90 -7.67
CA PRO B 266 -5.81 -2.75 -7.79
C PRO B 266 -4.39 -3.15 -7.42
N GLN B 267 -3.56 -3.46 -8.41
CA GLN B 267 -2.24 -3.98 -8.18
C GLN B 267 -1.42 -4.00 -9.49
N TYR B 268 -0.12 -4.12 -9.34
CA TYR B 268 0.79 -4.31 -10.45
C TYR B 268 1.67 -5.53 -10.10
N VAL B 269 2.19 -6.19 -11.10
CA VAL B 269 3.02 -7.36 -10.89
C VAL B 269 4.24 -7.34 -11.80
N ILE B 270 5.39 -7.52 -11.16
CA ILE B 270 6.66 -7.62 -11.90
C ILE B 270 6.93 -9.09 -12.17
N MET B 271 7.17 -9.42 -13.43
CA MET B 271 7.40 -10.76 -13.90
C MET B 271 8.76 -10.93 -14.55
N ASP B 272 9.25 -12.17 -14.52
CA ASP B 272 10.52 -12.51 -15.17
C ASP B 272 10.36 -12.24 -16.68
N GLY B 273 11.30 -11.52 -17.24
CA GLY B 273 11.27 -11.11 -18.62
C GLY B 273 11.45 -12.23 -19.64
N GLU B 274 11.86 -13.40 -19.22
CA GLU B 274 12.04 -14.52 -20.14
C GLU B 274 11.00 -15.60 -19.98
N THR B 275 10.41 -15.76 -18.79
CA THR B 275 9.43 -16.81 -18.55
C THR B 275 8.06 -16.33 -18.17
N LEU B 276 7.92 -15.08 -17.71
CA LEU B 276 6.74 -14.53 -17.15
C LEU B 276 6.48 -14.96 -15.70
N GLU B 277 7.47 -15.59 -15.08
CA GLU B 277 7.24 -16.01 -13.67
C GLU B 277 6.90 -14.77 -12.85
N PRO B 278 5.81 -14.84 -12.11
CA PRO B 278 5.42 -13.71 -11.24
C PRO B 278 6.39 -13.61 -10.08
N LYS B 279 7.03 -12.46 -9.91
CA LYS B 279 8.06 -12.27 -8.91
C LYS B 279 7.63 -11.37 -7.77
N LYS B 280 6.92 -10.30 -8.06
CA LYS B 280 6.52 -9.35 -7.02
C LYS B 280 5.19 -8.69 -7.34
N ILE B 281 4.21 -8.86 -6.47
CA ILE B 281 2.90 -8.28 -6.60
C ILE B 281 2.76 -7.14 -5.57
N GLN B 282 2.38 -5.98 -6.02
CA GLN B 282 2.17 -4.84 -5.16
C GLN B 282 0.76 -4.30 -5.26
N SER B 283 0.07 -4.17 -4.11
CA SER B 283 -1.22 -3.55 -4.07
C SER B 283 -1.10 -2.04 -4.28
N THR B 284 -2.09 -1.42 -4.91
CA THR B 284 -2.12 0.00 -5.10
C THR B 284 -3.19 0.67 -4.24
N ARG B 285 -3.84 -0.15 -3.41
CA ARG B 285 -4.82 0.41 -2.45
C ARG B 285 -4.06 1.35 -1.51
N GLY B 286 -4.63 2.49 -1.21
CA GLY B 286 -3.92 3.45 -0.35
C GLY B 286 -4.62 4.78 -0.27
N MET B 287 -3.85 5.83 0.09
CA MET B 287 -4.41 7.14 0.32
C MET B 287 -4.32 8.08 -0.85
N THR B 288 -5.36 8.89 -1.04
CA THR B 288 -5.36 9.93 -2.08
C THR B 288 -4.30 10.96 -1.72
N TYR B 289 -3.64 11.55 -2.71
CA TYR B 289 -2.50 12.42 -2.42
C TYR B 289 -2.90 13.70 -1.71
N ASP B 290 -4.03 14.27 -2.04
CA ASP B 290 -4.42 15.60 -1.61
C ASP B 290 -5.24 15.61 -0.34
N GLU B 291 -6.37 14.91 -0.34
CA GLU B 291 -7.22 14.92 0.86
C GLU B 291 -6.79 13.84 1.84
N GLN B 292 -5.88 12.98 1.41
CA GLN B 292 -5.38 11.88 2.20
C GLN B 292 -6.47 11.09 2.87
N GLU B 293 -7.28 10.44 2.03
CA GLU B 293 -8.37 9.57 2.45
C GLU B 293 -8.17 8.21 1.80
N TYR B 294 -8.41 7.14 2.52
CA TYR B 294 -8.24 5.80 1.97
C TYR B 294 -9.15 5.56 0.77
N HIS B 295 -8.55 5.02 -0.27
CA HIS B 295 -9.29 4.66 -1.50
C HIS B 295 -9.08 3.18 -1.77
N PRO B 296 -10.17 2.40 -1.81
CA PRO B 296 -10.14 0.98 -1.95
C PRO B 296 -10.02 0.45 -3.36
N GLU B 297 -9.98 1.35 -4.35
CA GLU B 297 -9.87 0.89 -5.75
C GLU B 297 -9.11 1.83 -6.63
N PRO B 298 -7.80 1.99 -6.39
CA PRO B 298 -6.95 2.87 -7.18
C PRO B 298 -6.36 2.11 -8.36
N ARG B 299 -6.99 2.30 -9.53
CA ARG B 299 -6.62 1.56 -10.72
C ARG B 299 -5.25 1.93 -11.26
N VAL B 300 -4.52 0.92 -11.74
CA VAL B 300 -3.22 1.18 -12.38
C VAL B 300 -3.47 1.60 -13.84
N ALA B 301 -2.96 2.76 -14.19
CA ALA B 301 -3.17 3.23 -15.59
C ALA B 301 -1.89 3.01 -16.37
N ALA B 302 -1.37 4.04 -17.06
CA ALA B 302 -0.16 3.83 -17.86
C ALA B 302 1.00 3.32 -17.01
N ILE B 303 1.83 2.47 -17.59
CA ILE B 303 3.09 2.05 -17.05
C ILE B 303 4.20 2.31 -18.10
N LEU B 304 5.21 3.02 -17.71
CA LEU B 304 6.36 3.28 -18.57
C LEU B 304 7.63 2.76 -17.91
N ALA B 305 8.74 2.79 -18.62
CA ALA B 305 10.01 2.31 -18.06
C ALA B 305 11.06 3.39 -18.16
N SER B 306 11.74 3.67 -17.05
CA SER B 306 12.77 4.67 -17.02
C SER B 306 14.01 4.25 -17.81
N HIS B 307 14.65 5.24 -18.41
CA HIS B 307 15.89 5.07 -19.13
C HIS B 307 17.06 5.65 -18.32
N TYR B 308 16.72 6.25 -17.17
CA TYR B 308 17.73 6.85 -16.31
C TYR B 308 18.06 6.00 -15.08
N ARG B 309 17.12 5.23 -14.60
CA ARG B 309 17.33 4.32 -13.47
C ARG B 309 16.64 3.00 -13.77
N PRO B 310 17.04 1.94 -13.12
CA PRO B 310 16.38 0.63 -13.28
C PRO B 310 15.06 0.66 -12.55
N GLU B 311 14.08 1.40 -13.09
CA GLU B 311 12.80 1.57 -12.51
C GLU B 311 11.63 1.49 -13.49
N PHE B 312 10.50 1.07 -13.00
CA PHE B 312 9.23 1.16 -13.68
C PHE B 312 8.47 2.40 -13.20
N ILE B 313 7.71 3.02 -14.07
CA ILE B 313 6.97 4.25 -13.79
C ILE B 313 5.48 3.92 -13.83
N VAL B 314 4.82 3.89 -12.67
CA VAL B 314 3.46 3.40 -12.58
C VAL B 314 2.46 4.46 -12.19
N ASN B 315 1.50 4.78 -13.05
CA ASN B 315 0.43 5.68 -12.72
C ASN B 315 -0.68 4.99 -11.92
N VAL B 316 -1.00 5.61 -10.76
CA VAL B 316 -2.12 5.13 -9.96
C VAL B 316 -3.22 6.16 -9.93
N LYS B 317 -4.29 5.89 -10.69
CA LYS B 317 -5.30 6.85 -11.05
C LYS B 317 -6.04 7.56 -9.97
N GLU B 318 -6.82 6.88 -9.17
CA GLU B 318 -7.70 7.49 -8.19
C GLU B 318 -7.00 8.15 -7.04
N THR B 319 -5.82 7.69 -6.68
CA THR B 319 -5.07 8.32 -5.57
C THR B 319 -4.16 9.40 -6.03
N GLY B 320 -3.91 9.51 -7.36
CA GLY B 320 -3.04 10.54 -7.89
C GLY B 320 -1.58 10.37 -7.51
N LYS B 321 -1.08 9.13 -7.51
CA LYS B 321 0.30 8.86 -7.19
C LYS B 321 1.03 8.26 -8.41
N ILE B 322 2.24 8.73 -8.64
CA ILE B 322 3.12 8.11 -9.64
C ILE B 322 4.21 7.35 -8.90
N LEU B 323 4.32 6.05 -9.12
CA LEU B 323 5.27 5.21 -8.41
C LEU B 323 6.53 4.99 -9.24
N LEU B 324 7.67 5.19 -8.67
CA LEU B 324 8.95 4.83 -9.31
C LEU B 324 9.45 3.57 -8.62
N VAL B 325 9.36 2.44 -9.29
CA VAL B 325 9.64 1.15 -8.65
C VAL B 325 10.95 0.58 -9.09
N ASP B 326 11.91 0.48 -8.18
CA ASP B 326 13.25 0.00 -8.50
C ASP B 326 13.30 -1.50 -8.50
N TYR B 327 13.61 -2.10 -9.65
CA TYR B 327 13.61 -3.53 -9.81
C TYR B 327 14.96 -4.21 -9.60
N THR B 328 15.94 -3.53 -9.03
CA THR B 328 17.24 -4.09 -8.79
C THR B 328 17.22 -5.07 -7.59
N ASP B 329 16.24 -4.87 -6.72
CA ASP B 329 16.09 -5.75 -5.55
C ASP B 329 14.63 -5.84 -5.17
N LEU B 330 14.01 -6.99 -5.47
CA LEU B 330 12.60 -7.18 -5.27
C LEU B 330 12.25 -7.60 -3.84
N ASP B 331 13.26 -7.97 -3.07
CA ASP B 331 13.04 -8.37 -1.68
C ASP B 331 13.14 -7.16 -0.74
N ASN B 332 14.11 -6.31 -0.98
CA ASN B 332 14.25 -5.05 -0.20
C ASN B 332 13.82 -3.94 -1.19
N LEU B 333 12.53 -3.82 -1.36
CA LEU B 333 11.96 -3.05 -2.47
C LEU B 333 11.97 -1.57 -2.27
N LYS B 334 12.74 -0.86 -3.10
CA LYS B 334 12.77 0.59 -3.07
C LYS B 334 11.73 1.18 -4.04
N THR B 335 10.86 2.01 -3.52
CA THR B 335 9.91 2.77 -4.35
C THR B 335 9.92 4.25 -3.98
N THR B 336 9.56 5.08 -4.93
CA THR B 336 9.28 6.48 -4.66
C THR B 336 7.81 6.76 -5.00
N GLU B 337 7.02 7.10 -4.02
CA GLU B 337 5.60 7.40 -4.21
C GLU B 337 5.41 8.88 -4.35
N ILE B 338 5.22 9.34 -5.61
CA ILE B 338 5.14 10.76 -5.90
C ILE B 338 3.73 11.29 -5.91
N SER B 339 3.44 12.24 -5.03
CA SER B 339 2.15 12.92 -5.01
C SER B 339 2.06 13.82 -6.27
N ALA B 340 0.98 13.57 -7.01
CA ALA B 340 0.86 14.21 -8.34
C ALA B 340 -0.48 14.89 -8.44
N GLU B 341 -1.41 14.34 -9.18
CA GLU B 341 -2.76 14.84 -9.31
C GLU B 341 -3.69 13.68 -9.62
N ARG B 342 -4.91 13.67 -9.08
CA ARG B 342 -5.84 12.59 -9.32
C ARG B 342 -6.22 12.49 -10.80
N PHE B 343 -6.65 11.29 -11.16
CA PHE B 343 -7.14 10.94 -12.48
C PHE B 343 -6.04 10.77 -13.51
N LEU B 344 -4.85 10.37 -13.02
CA LEU B 344 -3.73 10.06 -13.89
C LEU B 344 -4.18 8.97 -14.88
N HIS B 345 -3.76 9.13 -16.13
CA HIS B 345 -4.12 8.12 -17.14
C HIS B 345 -2.91 7.75 -17.96
N ASP B 346 -2.79 8.35 -19.16
CA ASP B 346 -1.68 8.05 -20.05
C ASP B 346 -0.63 9.13 -20.08
N GLY B 347 0.48 8.88 -20.75
CA GLY B 347 1.56 9.86 -20.85
C GLY B 347 2.76 9.27 -21.59
N GLY B 348 3.81 10.08 -21.69
CA GLY B 348 5.02 9.67 -22.37
C GLY B 348 6.24 10.37 -21.84
N LEU B 349 7.41 9.91 -22.28
CA LEU B 349 8.67 10.57 -21.96
C LEU B 349 8.95 11.66 -23.01
N ASP B 350 9.64 12.71 -22.59
CA ASP B 350 10.06 13.75 -23.50
C ASP B 350 11.11 13.17 -24.46
N GLY B 351 11.59 14.01 -25.36
CA GLY B 351 12.56 13.60 -26.36
C GLY B 351 13.85 13.07 -25.79
N SER B 352 14.27 13.57 -24.62
CA SER B 352 15.49 13.17 -23.98
C SER B 352 15.32 11.92 -23.12
N HIS B 353 14.08 11.48 -22.96
CA HIS B 353 13.73 10.32 -22.19
C HIS B 353 13.97 10.51 -20.68
N ARG B 354 14.05 11.75 -20.24
CA ARG B 354 14.30 11.98 -18.81
C ARG B 354 13.05 12.30 -18.04
N TYR B 355 12.11 13.03 -18.62
CA TYR B 355 10.93 13.50 -17.97
C TYR B 355 9.68 12.78 -18.42
N PHE B 356 8.87 12.35 -17.47
CA PHE B 356 7.60 11.70 -17.76
C PHE B 356 6.48 12.73 -17.65
N ILE B 357 5.75 12.91 -18.75
CA ILE B 357 4.69 13.89 -18.82
C ILE B 357 3.35 13.17 -18.97
N THR B 358 2.47 13.32 -17.98
CA THR B 358 1.26 12.50 -17.95
C THR B 358 0.02 13.30 -17.69
N ALA B 359 -1.11 12.87 -18.30
CA ALA B 359 -2.35 13.56 -18.17
C ALA B 359 -3.16 13.13 -16.94
N ALA B 360 -3.46 14.13 -16.10
CA ALA B 360 -4.42 13.87 -14.98
C ALA B 360 -5.76 14.38 -15.57
N ASN B 361 -6.34 13.50 -16.39
CA ASN B 361 -7.27 13.92 -17.43
C ASN B 361 -8.48 14.64 -16.99
N ALA B 362 -9.19 14.16 -15.96
CA ALA B 362 -10.41 14.83 -15.50
C ALA B 362 -10.15 16.18 -14.88
N ARG B 363 -8.91 16.48 -14.52
CA ARG B 363 -8.53 17.75 -13.95
C ARG B 363 -7.78 18.64 -14.90
N ASN B 364 -7.71 18.22 -16.19
CA ASN B 364 -7.11 18.97 -17.25
C ASN B 364 -5.68 19.39 -17.04
N LYS B 365 -4.91 18.56 -16.32
CA LYS B 365 -3.55 18.89 -16.01
C LYS B 365 -2.55 17.92 -16.66
N LEU B 366 -1.38 18.45 -16.95
CA LEU B 366 -0.23 17.62 -17.26
C LEU B 366 0.70 17.61 -16.02
N VAL B 367 1.10 16.45 -15.60
CA VAL B 367 2.05 16.29 -14.49
C VAL B 367 3.41 15.93 -15.08
N VAL B 368 4.47 16.58 -14.65
CA VAL B 368 5.80 16.29 -15.12
C VAL B 368 6.68 15.73 -13.98
N ILE B 369 7.25 14.58 -14.17
CA ILE B 369 8.17 13.97 -13.22
C ILE B 369 9.58 13.92 -13.80
N ASP B 370 10.58 14.21 -12.96
CA ASP B 370 11.98 14.04 -13.37
C ASP B 370 12.38 12.62 -12.99
N THR B 371 12.56 11.73 -13.98
CA THR B 371 12.91 10.35 -13.67
C THR B 371 14.32 10.17 -13.17
N LYS B 372 15.20 11.16 -13.39
CA LYS B 372 16.57 11.07 -12.94
C LYS B 372 16.63 11.34 -11.43
N GLU B 373 15.95 12.39 -11.02
CA GLU B 373 15.98 12.80 -9.61
C GLU B 373 14.83 12.20 -8.82
N GLY B 374 13.86 11.57 -9.49
CA GLY B 374 12.74 10.94 -8.83
C GLY B 374 11.85 11.89 -8.09
N LYS B 375 11.47 13.02 -8.69
CA LYS B 375 10.64 14.00 -8.08
C LYS B 375 9.69 14.70 -9.07
N LEU B 376 8.59 15.18 -8.53
CA LEU B 376 7.65 16.02 -9.29
C LEU B 376 8.32 17.35 -9.61
N VAL B 377 8.18 17.80 -10.89
CA VAL B 377 8.76 19.08 -11.26
C VAL B 377 7.72 20.10 -11.69
N ALA B 378 6.54 19.67 -12.09
CA ALA B 378 5.52 20.62 -12.51
C ALA B 378 4.15 20.01 -12.70
N ILE B 379 3.13 20.81 -12.52
CA ILE B 379 1.75 20.47 -12.80
C ILE B 379 1.09 21.69 -13.47
N GLU B 380 0.70 21.53 -14.73
CA GLU B 380 0.18 22.63 -15.51
C GLU B 380 -1.13 22.28 -16.19
N ASP B 381 -2.06 23.24 -16.17
CA ASP B 381 -3.35 23.05 -16.85
C ASP B 381 -3.15 23.31 -18.34
N THR B 382 -3.73 22.47 -19.19
CA THR B 382 -3.53 22.60 -20.63
C THR B 382 -4.41 23.68 -21.24
N GLY B 383 -5.43 24.13 -20.53
CA GLY B 383 -6.39 25.09 -21.10
C GLY B 383 -7.45 24.37 -21.91
N GLY B 384 -7.34 23.06 -22.05
CA GLY B 384 -8.28 22.23 -22.77
C GLY B 384 -9.06 21.32 -21.84
N GLN B 385 -10.01 20.57 -22.38
CA GLN B 385 -10.81 19.65 -21.65
C GLN B 385 -10.43 18.20 -21.89
N THR B 386 -9.92 17.55 -20.85
CA THR B 386 -9.59 16.15 -20.85
C THR B 386 -8.48 15.80 -21.82
N PRO B 387 -7.26 16.21 -21.51
CA PRO B 387 -6.10 15.86 -22.33
C PRO B 387 -5.95 14.37 -22.41
N HIS B 388 -5.67 13.86 -23.63
CA HIS B 388 -5.50 12.44 -23.85
C HIS B 388 -4.38 12.23 -24.84
N PRO B 389 -3.13 12.23 -24.38
CA PRO B 389 -1.98 12.20 -25.24
C PRO B 389 -1.60 10.86 -25.82
N GLY B 390 -2.01 9.76 -25.23
CA GLY B 390 -1.38 8.46 -25.55
C GLY B 390 0.03 8.56 -24.93
N ARG B 391 1.07 8.38 -25.69
CA ARG B 391 2.45 8.65 -25.25
C ARG B 391 2.89 10.04 -25.66
N GLY B 392 2.04 10.75 -26.41
CA GLY B 392 2.23 12.08 -26.86
C GLY B 392 3.12 12.23 -28.07
N ALA B 393 3.51 13.48 -28.35
CA ALA B 393 4.35 13.75 -29.53
C ALA B 393 5.43 14.75 -29.20
N ASN B 394 6.67 14.31 -29.33
CA ASN B 394 7.81 15.16 -29.08
C ASN B 394 8.36 15.72 -30.42
N PHE B 395 8.68 16.98 -30.42
CA PHE B 395 9.36 17.57 -31.58
C PHE B 395 10.08 18.85 -31.18
N VAL B 396 10.99 19.30 -32.03
CA VAL B 396 11.66 20.57 -31.80
C VAL B 396 10.89 21.67 -32.51
N HIS B 397 10.15 22.46 -31.76
CA HIS B 397 9.38 23.58 -32.36
C HIS B 397 10.37 24.62 -32.84
N PRO B 398 10.19 25.14 -34.05
CA PRO B 398 11.12 26.07 -34.64
C PRO B 398 11.47 27.26 -33.79
N THR B 399 10.52 27.81 -33.02
CA THR B 399 10.83 28.97 -32.18
C THR B 399 10.80 28.64 -30.70
N PHE B 400 9.99 27.67 -30.27
CA PHE B 400 9.89 27.37 -28.84
C PHE B 400 10.96 26.41 -28.37
N GLY B 401 11.54 25.60 -29.21
CA GLY B 401 12.49 24.58 -28.80
C GLY B 401 11.77 23.25 -28.62
N PRO B 402 12.42 22.31 -27.95
CA PRO B 402 11.83 21.01 -27.65
C PRO B 402 10.51 21.12 -26.95
N VAL B 403 9.47 20.50 -27.48
CA VAL B 403 8.15 20.50 -26.91
C VAL B 403 7.54 19.09 -26.97
N TRP B 404 6.53 18.88 -26.15
CA TRP B 404 5.71 17.66 -26.16
C TRP B 404 4.26 18.09 -26.32
N ALA B 405 3.53 17.43 -27.22
CA ALA B 405 2.17 17.79 -27.54
C ALA B 405 1.13 16.76 -27.15
N THR B 406 -0.06 17.24 -26.79
CA THR B 406 -1.21 16.41 -26.54
C THR B 406 -2.45 17.02 -27.21
N SER B 407 -3.35 16.15 -27.64
CA SER B 407 -4.68 16.57 -28.06
C SER B 407 -5.66 16.24 -26.94
N HIS B 408 -6.92 16.54 -27.10
CA HIS B 408 -7.92 16.40 -26.05
C HIS B 408 -9.14 15.62 -26.48
N MET B 409 -9.76 14.91 -25.54
CA MET B 409 -11.02 14.22 -25.80
C MET B 409 -12.20 15.20 -25.74
N GLY B 410 -12.12 16.18 -24.84
CA GLY B 410 -13.23 17.05 -24.56
C GLY B 410 -13.34 18.29 -25.41
N ASP B 411 -12.35 18.59 -26.24
CA ASP B 411 -12.40 19.73 -27.14
C ASP B 411 -11.43 19.51 -28.31
N ASP B 412 -11.38 20.47 -29.23
CA ASP B 412 -10.55 20.32 -30.41
C ASP B 412 -9.15 20.81 -30.28
N SER B 413 -8.67 21.08 -29.03
CA SER B 413 -7.39 21.70 -28.87
C SER B 413 -6.20 20.76 -28.81
N VAL B 414 -5.08 21.32 -29.27
CA VAL B 414 -3.77 20.70 -29.19
C VAL B 414 -2.88 21.65 -28.34
N ALA B 415 -2.27 21.09 -27.31
CA ALA B 415 -1.44 21.96 -26.42
C ALA B 415 0.01 21.55 -26.50
N LEU B 416 0.92 22.51 -26.46
CA LEU B 416 2.34 22.23 -26.49
C LEU B 416 2.97 22.65 -25.13
N ILE B 417 3.78 21.78 -24.57
CA ILE B 417 4.51 22.11 -23.34
C ILE B 417 6.00 22.06 -23.59
N GLY B 418 6.76 23.06 -23.12
CA GLY B 418 8.21 23.09 -23.28
C GLY B 418 8.88 22.00 -22.45
N THR B 419 9.86 21.31 -23.02
CA THR B 419 10.46 20.18 -22.30
C THR B 419 11.95 20.31 -22.11
N ASP B 420 12.48 21.53 -22.11
CA ASP B 420 13.92 21.77 -22.07
C ASP B 420 14.29 22.76 -20.99
N PRO B 421 14.37 22.26 -19.75
CA PRO B 421 14.68 23.15 -18.62
C PRO B 421 16.06 23.75 -18.69
N GLU B 422 17.05 23.07 -19.23
CA GLU B 422 18.40 23.57 -19.35
C GLU B 422 18.57 24.54 -20.52
N GLY B 423 18.01 24.17 -21.68
CA GLY B 423 18.26 24.93 -22.90
C GLY B 423 17.26 25.96 -23.25
N HIS B 424 16.02 25.84 -22.84
CA HIS B 424 14.98 26.86 -23.02
C HIS B 424 14.25 27.03 -21.68
N PRO B 425 14.97 27.63 -20.72
CA PRO B 425 14.48 27.70 -19.35
C PRO B 425 13.16 28.34 -19.14
N ASP B 426 12.89 29.52 -19.70
CA ASP B 426 11.61 30.17 -19.52
C ASP B 426 10.44 29.37 -20.08
N ASN B 427 10.70 28.59 -21.14
CA ASN B 427 9.67 27.81 -21.78
C ASN B 427 9.40 26.48 -21.11
N ALA B 428 10.28 26.03 -20.23
CA ALA B 428 10.16 24.71 -19.65
C ALA B 428 8.96 24.52 -18.78
N TRP B 429 8.19 23.46 -19.06
CA TRP B 429 7.03 23.06 -18.32
C TRP B 429 5.94 24.10 -18.30
N LYS B 430 5.87 24.94 -19.33
CA LYS B 430 4.84 25.94 -19.49
C LYS B 430 4.05 25.61 -20.78
N ILE B 431 2.76 25.83 -20.75
CA ILE B 431 1.98 25.66 -22.02
C ILE B 431 2.34 26.82 -22.94
N LEU B 432 2.99 26.54 -24.06
CA LEU B 432 3.50 27.56 -24.94
C LEU B 432 2.54 27.96 -26.05
N ASP B 433 1.64 27.06 -26.37
CA ASP B 433 0.67 27.33 -27.46
C ASP B 433 -0.45 26.31 -27.38
N SER B 434 -1.60 26.69 -27.88
CA SER B 434 -2.79 25.85 -27.91
C SER B 434 -3.57 26.26 -29.19
N PHE B 435 -3.99 25.30 -29.96
CA PHE B 435 -4.68 25.60 -31.23
C PHE B 435 -5.59 24.46 -31.63
N PRO B 436 -6.61 24.76 -32.45
CA PRO B 436 -7.59 23.76 -32.82
C PRO B 436 -7.15 22.83 -33.93
N ALA B 437 -7.63 21.59 -33.83
CA ALA B 437 -7.42 20.57 -34.87
C ALA B 437 -8.80 20.26 -35.46
N LEU B 438 -9.13 19.02 -35.77
CA LEU B 438 -10.38 18.73 -36.45
C LEU B 438 -11.63 18.93 -35.63
N GLY B 439 -11.62 18.54 -34.36
CA GLY B 439 -12.78 18.62 -33.50
C GLY B 439 -12.51 17.84 -32.20
N GLY B 440 -13.51 17.80 -31.33
CA GLY B 440 -13.40 17.08 -30.07
C GLY B 440 -13.35 15.59 -30.28
N GLY B 441 -13.05 14.81 -29.24
CA GLY B 441 -13.03 13.37 -29.35
C GLY B 441 -11.70 12.82 -29.86
N SER B 442 -10.65 13.64 -29.72
CA SER B 442 -9.32 13.19 -30.14
C SER B 442 -8.75 12.20 -29.12
N LEU B 443 -8.01 11.22 -29.58
CA LEU B 443 -7.35 10.26 -28.73
C LEU B 443 -5.85 10.26 -28.86
N PHE B 444 -5.30 10.40 -30.07
CA PHE B 444 -3.88 10.23 -30.28
C PHE B 444 -3.27 11.27 -31.20
N ILE B 445 -2.13 11.76 -30.82
CA ILE B 445 -1.33 12.73 -31.55
C ILE B 445 0.00 12.04 -31.87
N LYS B 446 0.57 12.31 -33.06
CA LYS B 446 1.77 11.57 -33.42
C LYS B 446 2.72 12.31 -34.32
N THR B 447 4.01 12.08 -34.08
CA THR B 447 5.07 12.54 -34.95
C THR B 447 6.25 11.58 -34.87
N HIS B 448 7.31 11.87 -35.59
CA HIS B 448 8.52 11.04 -35.61
C HIS B 448 9.69 11.98 -35.95
N PRO B 449 10.87 11.71 -35.46
CA PRO B 449 12.00 12.59 -35.66
C PRO B 449 12.34 12.85 -37.12
N ASN B 450 12.01 11.91 -38.01
CA ASN B 450 12.29 12.07 -39.42
C ASN B 450 11.17 12.74 -40.19
N SER B 451 10.08 13.07 -39.55
CA SER B 451 8.94 13.73 -40.14
C SER B 451 8.84 15.19 -39.74
N GLN B 452 8.27 16.04 -40.59
CA GLN B 452 7.99 17.42 -40.26
C GLN B 452 6.52 17.62 -39.94
N TYR B 453 5.77 16.52 -39.79
CA TYR B 453 4.35 16.57 -39.62
C TYR B 453 3.84 16.06 -38.26
N LEU B 454 2.79 16.68 -37.80
CA LEU B 454 2.14 16.35 -36.52
C LEU B 454 0.69 15.93 -36.81
N TYR B 455 0.37 14.68 -36.57
CA TYR B 455 -0.90 14.08 -36.94
C TYR B 455 -1.85 13.98 -35.76
N VAL B 456 -3.09 14.39 -35.91
CA VAL B 456 -4.04 14.35 -34.80
C VAL B 456 -5.36 13.72 -35.23
N ASP B 457 -5.77 12.64 -34.58
CA ASP B 457 -7.02 12.00 -34.84
C ASP B 457 -8.19 12.64 -34.07
N ALA B 458 -9.39 12.18 -34.38
CA ALA B 458 -10.61 12.73 -33.79
C ALA B 458 -11.64 11.58 -33.69
N THR B 459 -11.17 10.46 -33.19
CA THR B 459 -11.84 9.19 -33.16
C THR B 459 -13.24 9.19 -32.61
N LEU B 460 -13.46 9.86 -31.48
CA LEU B 460 -14.73 9.84 -30.79
C LEU B 460 -15.66 10.96 -31.17
N ASN B 461 -15.33 11.75 -32.18
CA ASN B 461 -16.23 12.84 -32.60
C ASN B 461 -17.53 12.25 -33.13
N PRO B 462 -18.65 12.91 -32.86
CA PRO B 462 -19.95 12.43 -33.28
C PRO B 462 -20.18 12.54 -34.77
N GLU B 463 -19.44 13.41 -35.45
CA GLU B 463 -19.61 13.59 -36.89
C GLU B 463 -18.72 12.65 -37.68
N ALA B 464 -19.30 11.85 -38.57
CA ALA B 464 -18.55 10.88 -39.35
C ALA B 464 -17.43 11.47 -40.16
N GLU B 465 -17.59 12.63 -40.78
CA GLU B 465 -16.56 13.24 -41.58
C GLU B 465 -15.32 13.57 -40.75
N ILE B 466 -15.51 13.89 -39.48
CA ILE B 466 -14.42 14.20 -38.58
C ILE B 466 -13.83 12.97 -37.94
N SER B 467 -14.65 12.00 -37.55
CA SER B 467 -14.20 10.77 -36.93
C SER B 467 -13.38 9.91 -37.89
N GLY B 468 -13.66 10.07 -39.18
CA GLY B 468 -12.94 9.31 -40.20
C GLY B 468 -11.84 10.10 -40.85
N SER B 469 -11.39 11.19 -40.24
CA SER B 469 -10.32 12.00 -40.84
C SER B 469 -9.24 12.34 -39.82
N VAL B 470 -8.10 12.82 -40.30
CA VAL B 470 -6.99 13.20 -39.44
C VAL B 470 -6.45 14.57 -39.84
N ALA B 471 -6.11 15.38 -38.84
CA ALA B 471 -5.50 16.69 -39.09
C ALA B 471 -3.98 16.57 -39.12
N VAL B 472 -3.34 17.27 -40.05
CA VAL B 472 -1.88 17.23 -40.16
C VAL B 472 -1.30 18.64 -40.16
N PHE B 473 -0.50 18.96 -39.14
CA PHE B 473 0.17 20.23 -39.03
C PHE B 473 1.62 20.13 -39.49
N ASP B 474 2.08 21.19 -40.14
CA ASP B 474 3.46 21.24 -40.62
C ASP B 474 4.33 21.95 -39.57
N ILE B 475 5.11 21.15 -38.86
CA ILE B 475 5.96 21.70 -37.79
C ILE B 475 6.89 22.77 -38.28
N LYS B 476 7.45 22.62 -39.49
CA LYS B 476 8.34 23.61 -40.05
C LYS B 476 7.69 24.97 -40.25
N ALA B 477 6.40 25.03 -40.45
CA ALA B 477 5.70 26.29 -40.69
C ALA B 477 5.23 26.94 -39.40
N MET B 478 5.42 26.28 -38.27
CA MET B 478 5.00 26.86 -36.98
C MET B 478 5.90 28.04 -36.60
N THR B 479 5.24 29.15 -36.27
CA THR B 479 5.99 30.38 -35.96
C THR B 479 5.84 30.73 -34.48
N GLY B 480 4.89 30.11 -33.83
CA GLY B 480 4.57 30.42 -32.45
C GLY B 480 4.34 31.92 -32.26
N ASP B 481 3.61 32.54 -33.19
CA ASP B 481 3.30 33.96 -33.11
C ASP B 481 1.96 34.20 -32.44
N GLY B 482 1.36 33.13 -31.93
CA GLY B 482 0.09 33.20 -31.25
C GLY B 482 -1.07 32.85 -32.16
N SER B 483 -0.85 32.94 -33.48
CA SER B 483 -1.90 32.61 -34.44
C SER B 483 -2.08 31.08 -34.45
N ASP B 484 -3.21 30.61 -34.92
CA ASP B 484 -3.44 29.16 -34.99
C ASP B 484 -2.88 28.60 -36.29
N PRO B 485 -2.02 27.60 -36.19
CA PRO B 485 -1.44 26.96 -37.33
C PRO B 485 -2.49 26.23 -38.16
N GLU B 486 -2.37 26.36 -39.49
CA GLU B 486 -3.31 25.66 -40.38
C GLU B 486 -2.99 24.16 -40.36
N PHE B 487 -3.97 23.36 -40.75
CA PHE B 487 -3.72 21.92 -40.91
C PHE B 487 -4.37 21.42 -42.21
N LYS B 488 -3.82 20.36 -42.74
CA LYS B 488 -4.43 19.65 -43.87
C LYS B 488 -5.33 18.55 -43.30
N THR B 489 -6.43 18.25 -43.95
CA THR B 489 -7.31 17.19 -43.49
C THR B 489 -7.16 15.96 -44.38
N LEU B 490 -6.75 14.84 -43.82
CA LEU B 490 -6.63 13.60 -44.59
C LEU B 490 -7.89 12.78 -44.40
N PRO B 491 -8.57 12.43 -45.51
CA PRO B 491 -9.79 11.67 -45.44
C PRO B 491 -9.52 10.20 -45.36
N ILE B 492 -9.01 9.75 -44.19
CA ILE B 492 -8.51 8.39 -44.05
C ILE B 492 -9.57 7.35 -44.30
N ALA B 493 -10.75 7.47 -43.71
CA ALA B 493 -11.78 6.46 -43.90
C ALA B 493 -12.22 6.41 -45.38
N GLU B 494 -12.33 7.56 -45.99
CA GLU B 494 -12.72 7.64 -47.42
C GLU B 494 -11.66 7.00 -48.28
N TRP B 495 -10.38 7.20 -47.98
CA TRP B 495 -9.29 6.54 -48.67
C TRP B 495 -9.41 5.03 -48.63
N ALA B 496 -9.92 4.49 -47.51
CA ALA B 496 -10.08 3.08 -47.31
C ALA B 496 -11.27 2.50 -48.08
N GLY B 497 -12.15 3.38 -48.53
CA GLY B 497 -13.33 2.96 -49.29
C GLY B 497 -14.40 2.43 -48.34
N ILE B 498 -14.38 2.88 -47.09
CA ILE B 498 -15.30 2.38 -46.09
C ILE B 498 -16.24 3.46 -45.55
N THR B 499 -17.54 3.26 -45.79
CA THR B 499 -18.56 4.17 -45.28
C THR B 499 -19.56 3.39 -44.41
N GLU B 500 -19.73 2.12 -44.73
CA GLU B 500 -20.65 1.24 -44.02
C GLU B 500 -20.48 1.36 -42.51
N GLY B 501 -21.55 1.16 -41.77
CA GLY B 501 -21.51 1.29 -40.31
C GLY B 501 -21.03 2.70 -39.96
N GLN B 502 -20.16 2.79 -38.95
CA GLN B 502 -19.50 4.06 -38.66
C GLN B 502 -18.05 3.79 -38.28
N PRO B 503 -17.19 3.77 -39.30
CA PRO B 503 -15.77 3.53 -39.11
C PRO B 503 -15.14 4.75 -38.43
N ARG B 504 -14.44 4.49 -37.35
CA ARG B 504 -13.75 5.55 -36.60
C ARG B 504 -12.23 5.37 -36.85
N VAL B 505 -11.55 6.43 -37.26
CA VAL B 505 -10.12 6.30 -37.49
C VAL B 505 -9.35 6.61 -36.20
N VAL B 506 -8.33 5.82 -35.93
CA VAL B 506 -7.63 5.96 -34.63
C VAL B 506 -6.17 5.63 -34.71
N GLN B 507 -5.34 6.40 -34.01
CA GLN B 507 -3.98 6.24 -33.71
C GLN B 507 -2.97 6.15 -34.84
N GLY B 508 -2.22 7.21 -35.08
CA GLY B 508 -1.08 7.16 -35.99
C GLY B 508 0.08 6.38 -35.37
N GLU B 509 0.77 5.58 -36.15
CA GLU B 509 1.96 4.85 -35.78
C GLU B 509 2.92 4.83 -36.98
N PHE B 510 4.15 5.22 -36.79
CA PHE B 510 5.14 5.26 -37.86
C PHE B 510 5.90 3.97 -38.02
N ASN B 511 6.46 3.80 -39.25
CA ASN B 511 7.39 2.72 -39.51
C ASN B 511 8.75 3.02 -38.92
N LYS B 512 9.71 2.11 -38.99
CA LYS B 512 11.02 2.32 -38.37
C LYS B 512 11.74 3.54 -38.91
N ASP B 513 11.64 3.80 -40.21
CA ASP B 513 12.34 4.91 -40.82
C ASP B 513 11.64 6.24 -40.66
N GLY B 514 10.39 6.24 -40.19
CA GLY B 514 9.63 7.48 -40.04
C GLY B 514 9.27 8.08 -41.40
N THR B 515 9.04 7.21 -42.39
CA THR B 515 8.68 7.75 -43.72
C THR B 515 7.25 7.42 -44.09
N GLU B 516 6.57 6.61 -43.29
CA GLU B 516 5.18 6.26 -43.51
C GLU B 516 4.45 6.22 -42.16
N VAL B 517 3.19 6.55 -42.17
CA VAL B 517 2.38 6.56 -40.95
C VAL B 517 1.11 5.75 -41.18
N TRP B 518 0.77 4.91 -40.23
CA TRP B 518 -0.37 4.00 -40.34
C TRP B 518 -1.49 4.48 -39.41
N PHE B 519 -2.71 4.34 -39.89
CA PHE B 519 -3.91 4.65 -39.11
C PHE B 519 -4.86 3.46 -39.17
N SER B 520 -5.57 3.19 -38.08
CA SER B 520 -6.60 2.17 -38.11
C SER B 520 -7.96 2.71 -38.46
N VAL B 521 -8.63 1.98 -39.39
CA VAL B 521 -10.03 2.32 -39.71
C VAL B 521 -10.91 1.29 -39.00
N TRP B 522 -11.26 1.67 -37.77
CA TRP B 522 -11.94 0.79 -36.83
C TRP B 522 -13.44 0.76 -36.99
N ASN B 523 -13.92 -0.35 -37.54
CA ASN B 523 -15.37 -0.55 -37.72
C ASN B 523 -15.79 -1.74 -36.84
N GLY B 524 -17.09 -2.00 -36.79
CA GLY B 524 -17.63 -3.09 -35.99
C GLY B 524 -17.14 -4.44 -36.42
N LYS B 525 -17.27 -5.46 -35.55
CA LYS B 525 -16.84 -6.80 -35.78
C LYS B 525 -17.43 -7.45 -37.02
N ASP B 526 -18.66 -7.12 -37.35
CA ASP B 526 -19.33 -7.69 -38.54
C ASP B 526 -19.33 -6.70 -39.68
N GLN B 527 -18.45 -5.71 -39.60
CA GLN B 527 -18.33 -4.69 -40.65
C GLN B 527 -16.94 -4.75 -41.26
N GLU B 528 -16.69 -3.95 -42.29
CA GLU B 528 -15.38 -3.94 -42.91
C GLU B 528 -14.48 -2.86 -42.30
N SER B 529 -13.29 -3.30 -41.87
CA SER B 529 -12.29 -2.37 -41.36
C SER B 529 -11.10 -2.31 -42.30
N ALA B 530 -10.09 -1.51 -41.95
CA ALA B 530 -8.88 -1.46 -42.74
C ALA B 530 -7.74 -0.80 -41.92
N LEU B 531 -6.55 -0.87 -42.45
CA LEU B 531 -5.43 -0.05 -42.01
C LEU B 531 -5.05 0.83 -43.23
N VAL B 532 -4.82 2.08 -43.00
CA VAL B 532 -4.42 3.02 -44.04
C VAL B 532 -2.99 3.48 -43.84
N VAL B 533 -2.15 3.27 -44.85
CA VAL B 533 -0.76 3.71 -44.80
C VAL B 533 -0.58 4.99 -45.60
N VAL B 534 -0.15 6.05 -44.96
CA VAL B 534 0.07 7.35 -45.54
C VAL B 534 1.55 7.61 -45.77
N ASP B 535 1.87 8.13 -46.95
CA ASP B 535 3.24 8.54 -47.28
C ASP B 535 3.53 9.88 -46.59
N ASP B 536 4.41 9.86 -45.61
CA ASP B 536 4.67 11.04 -44.79
C ASP B 536 5.25 12.20 -45.57
N LYS B 537 6.05 11.93 -46.60
CA LYS B 537 6.64 13.02 -47.39
C LYS B 537 5.61 13.77 -48.19
N THR B 538 4.64 13.07 -48.77
CA THR B 538 3.67 13.69 -49.66
C THR B 538 2.31 13.91 -49.04
N LEU B 539 2.03 13.24 -47.93
CA LEU B 539 0.73 13.28 -47.29
C LEU B 539 -0.36 12.69 -48.18
N GLU B 540 0.05 11.73 -49.02
CA GLU B 540 -0.90 11.04 -49.89
C GLU B 540 -1.08 9.59 -49.47
N LEU B 541 -2.16 8.99 -49.90
CA LEU B 541 -2.43 7.59 -49.68
C LEU B 541 -1.36 6.71 -50.31
N LYS B 542 -0.81 5.80 -49.54
CA LYS B 542 0.19 4.86 -50.04
C LYS B 542 -0.41 3.49 -50.26
N HIS B 543 -1.02 2.92 -49.22
CA HIS B 543 -1.53 1.56 -49.30
C HIS B 543 -2.66 1.32 -48.32
N VAL B 544 -3.64 0.54 -48.71
CA VAL B 544 -4.74 0.14 -47.87
C VAL B 544 -4.65 -1.35 -47.56
N ILE B 545 -4.64 -1.67 -46.26
CA ILE B 545 -4.58 -3.06 -45.81
C ILE B 545 -5.98 -3.52 -45.43
N LYS B 546 -6.46 -4.53 -46.18
CA LYS B 546 -7.75 -5.12 -45.97
C LYS B 546 -7.62 -6.65 -45.97
N ASP B 547 -8.37 -7.27 -45.09
CA ASP B 547 -8.32 -8.74 -44.99
C ASP B 547 -9.53 -9.21 -44.21
N GLU B 548 -10.12 -10.34 -44.59
CA GLU B 548 -11.27 -10.83 -43.84
C GLU B 548 -10.91 -11.07 -42.36
N ARG B 549 -9.65 -11.35 -42.07
CA ARG B 549 -9.20 -11.57 -40.71
C ARG B 549 -9.05 -10.28 -39.93
N LEU B 550 -9.02 -9.14 -40.59
CA LEU B 550 -8.75 -7.86 -39.92
C LEU B 550 -10.00 -7.34 -39.24
N VAL B 551 -10.34 -7.97 -38.11
CA VAL B 551 -11.52 -7.61 -37.35
C VAL B 551 -11.19 -6.56 -36.29
N THR B 552 -11.91 -5.46 -36.30
CA THR B 552 -11.79 -4.38 -35.35
C THR B 552 -10.37 -3.98 -35.01
N PRO B 553 -9.58 -3.59 -36.00
CA PRO B 553 -8.22 -3.15 -35.79
C PRO B 553 -8.16 -1.81 -35.03
N THR B 554 -7.40 -1.89 -33.92
CA THR B 554 -7.23 -0.70 -33.09
C THR B 554 -5.78 -0.31 -32.95
N GLY B 555 -5.13 -0.59 -31.82
CA GLY B 555 -3.76 -0.22 -31.61
C GLY B 555 -2.78 -0.91 -32.53
N LYS B 556 -1.81 -0.17 -33.01
CA LYS B 556 -0.73 -0.63 -33.83
C LYS B 556 0.61 -0.18 -33.22
N PHE B 557 1.55 -1.10 -33.13
CA PHE B 557 2.84 -0.77 -32.54
C PHE B 557 4.00 -1.28 -33.39
N ASN B 558 4.79 -0.36 -33.90
CA ASN B 558 5.98 -0.74 -34.65
C ASN B 558 7.06 -1.21 -33.68
N VAL B 559 7.72 -2.31 -33.99
CA VAL B 559 8.70 -2.90 -33.08
C VAL B 559 9.77 -1.93 -32.69
N TYR B 560 10.43 -1.27 -33.65
CA TYR B 560 11.53 -0.36 -33.32
C TYR B 560 11.08 0.85 -32.54
N ASN B 561 10.00 1.49 -32.96
CA ASN B 561 9.52 2.69 -32.28
C ASN B 561 9.03 2.42 -30.87
N THR B 562 8.52 1.22 -30.62
CA THR B 562 8.03 0.87 -29.29
C THR B 562 9.16 0.48 -28.37
N MET B 563 10.09 -0.34 -28.87
CA MET B 563 11.22 -0.76 -28.04
C MET B 563 12.10 0.38 -27.63
N THR B 564 12.25 1.41 -28.46
CA THR B 564 13.08 2.56 -28.22
C THR B 564 12.35 3.77 -27.67
N ASP B 565 11.04 3.69 -27.49
CA ASP B 565 10.27 4.85 -27.03
C ASP B 565 10.50 6.07 -27.90
N THR B 566 10.39 5.83 -29.23
CA THR B 566 10.54 6.91 -30.20
C THR B 566 9.22 7.49 -30.62
N TYR B 567 8.89 8.66 -30.09
CA TYR B 567 7.63 9.34 -30.30
C TYR B 567 7.75 10.79 -29.84
#